data_2CST
#
_entry.id   2CST
#
_cell.length_a   56.400
_cell.length_b   126.000
_cell.length_c   124.300
_cell.angle_alpha   90.00
_cell.angle_beta   90.00
_cell.angle_gamma   90.00
#
_symmetry.space_group_name_H-M   'P 21 21 21'
#
loop_
_entity.id
_entity.type
_entity.pdbx_description
1 polymer 'ASPARTATE AMINOTRANSFERASE'
2 non-polymer "PYRIDOXAL-5'-PHOSPHATE"
3 non-polymer 'MALEIC ACID'
4 water water
#
_entity_poly.entity_id   1
_entity_poly.type   'polypeptide(L)'
_entity_poly.pdbx_seq_one_letter_code
;AASIFAAVPRAPPVAVFKLTADFREDGDSRKVNLGVGAYRTDEGQPWVLPVVRKVEQLIAGDGSLNHEYLPILGLPEFRA
NASRIALGDDSPAIAQKRVGSVQGLGGTGALRIGAEFLRRWYNGNNNTATPVYVSSPTWENHNSVFMDAGFKDIRTYRYW
DAAKRGLDLQGLLDDMEKAPEFSIFILHACAHNPTGTDPTPDEWKQIAAVMKRRCLFPFFDSAYQGFASGSLDKDAWAVR
YFVSEGFELFCAQSFSKNFGLYNERVGNLSVVGKDEDNVQRVLSQMEKIVRTTWSNPPSQGARIVATTLTSPQLFAEWKD
NVKTMADRVLLMRSELRSRLESLGTPGTWNHITDQIGMFSFTGLNPKQVEYMIKEKHIYLMASGRINMCGLTTKNLDYVA
KSIHEAVTKIQ
;
_entity_poly.pdbx_strand_id   A,B
#
loop_
_chem_comp.id
_chem_comp.type
_chem_comp.name
_chem_comp.formula
MAE non-polymer 'MALEIC ACID' 'C4 H4 O4'
PLP non-polymer PYRIDOXAL-5'-PHOSPHATE 'C8 H10 N O6 P'
#
# COMPACT_ATOMS: atom_id res chain seq x y z
N ALA A 1 -30.39 10.32 12.92
CA ALA A 1 -30.94 11.58 12.43
C ALA A 1 -30.47 11.82 11.03
N ALA A 2 -29.72 12.89 10.89
CA ALA A 2 -29.16 13.16 9.61
C ALA A 2 -27.93 12.27 9.54
N SER A 3 -27.53 11.89 8.36
CA SER A 3 -26.35 11.06 8.25
C SER A 3 -25.11 11.84 8.67
N ILE A 4 -24.14 11.16 9.28
CA ILE A 4 -22.92 11.84 9.65
C ILE A 4 -22.11 12.22 8.41
N PHE A 5 -22.51 11.68 7.25
CA PHE A 5 -21.85 11.94 5.98
C PHE A 5 -22.65 12.90 5.09
N ALA A 6 -23.72 13.44 5.62
CA ALA A 6 -24.63 14.29 4.86
C ALA A 6 -23.98 15.40 4.02
N ALA A 7 -22.99 16.07 4.61
CA ALA A 7 -22.29 17.20 3.99
C ALA A 7 -21.08 16.85 3.17
N VAL A 8 -20.79 15.56 3.03
CA VAL A 8 -19.65 15.14 2.25
C VAL A 8 -19.92 15.30 0.77
N PRO A 9 -19.15 16.15 0.12
CA PRO A 9 -19.32 16.41 -1.29
C PRO A 9 -18.88 15.27 -2.17
N ARG A 10 -19.50 15.19 -3.34
CA ARG A 10 -19.12 14.21 -4.33
C ARG A 10 -17.88 14.66 -5.10
N ALA A 11 -16.82 13.85 -5.04
CA ALA A 11 -15.59 14.14 -5.77
C ALA A 11 -15.62 13.44 -7.13
N PRO A 12 -15.09 14.10 -8.15
CA PRO A 12 -15.07 13.45 -9.42
C PRO A 12 -14.01 12.34 -9.36
N PRO A 13 -14.16 11.37 -10.24
CA PRO A 13 -13.25 10.24 -10.32
C PRO A 13 -11.94 10.66 -10.90
N VAL A 14 -10.89 9.89 -10.58
CA VAL A 14 -9.56 10.16 -11.13
C VAL A 14 -9.69 10.02 -12.62
N ALA A 15 -9.32 11.08 -13.31
CA ALA A 15 -9.50 11.16 -14.73
C ALA A 15 -8.96 10.04 -15.61
N VAL A 16 -7.70 9.70 -15.42
CA VAL A 16 -7.14 8.71 -16.30
C VAL A 16 -7.86 7.37 -16.24
N PHE A 17 -8.32 6.96 -15.04
CA PHE A 17 -8.99 5.69 -14.87
C PHE A 17 -10.41 5.73 -15.37
N LYS A 18 -11.01 6.90 -15.28
CA LYS A 18 -12.38 7.07 -15.73
C LYS A 18 -12.39 6.95 -17.25
N LEU A 19 -11.35 7.50 -17.89
CA LEU A 19 -11.18 7.44 -19.32
C LEU A 19 -11.19 6.00 -19.77
N THR A 20 -10.50 5.13 -19.02
CA THR A 20 -10.43 3.71 -19.30
C THR A 20 -11.79 3.03 -19.17
N ALA A 21 -12.49 3.36 -18.12
CA ALA A 21 -13.79 2.80 -17.89
C ALA A 21 -14.73 3.21 -19.03
N ASP A 22 -14.63 4.47 -19.44
CA ASP A 22 -15.49 4.93 -20.52
C ASP A 22 -15.23 4.18 -21.82
N PHE A 23 -13.96 3.97 -22.07
CA PHE A 23 -13.54 3.27 -23.23
C PHE A 23 -14.07 1.82 -23.26
N ARG A 24 -13.95 1.14 -22.12
CA ARG A 24 -14.41 -0.24 -22.01
C ARG A 24 -15.89 -0.41 -22.29
N GLU A 25 -16.70 0.57 -21.89
CA GLU A 25 -18.11 0.42 -22.10
C GLU A 25 -18.62 0.90 -23.45
N ASP A 26 -17.76 1.57 -24.18
CA ASP A 26 -18.12 2.08 -25.49
C ASP A 26 -18.29 0.91 -26.45
N GLY A 27 -19.37 0.90 -27.21
CA GLY A 27 -19.64 -0.19 -28.14
C GLY A 27 -19.27 0.06 -29.62
N ASP A 28 -18.70 1.21 -29.91
CA ASP A 28 -18.30 1.51 -31.27
C ASP A 28 -17.14 0.64 -31.70
N SER A 29 -17.27 0.03 -32.88
CA SER A 29 -16.21 -0.84 -33.36
C SER A 29 -14.88 -0.14 -33.68
N ARG A 30 -14.90 1.19 -33.83
CA ARG A 30 -13.68 1.90 -34.17
C ARG A 30 -12.90 2.46 -32.99
N LYS A 31 -13.40 2.21 -31.78
CA LYS A 31 -12.79 2.73 -30.55
C LYS A 31 -11.27 2.47 -30.38
N VAL A 32 -10.61 3.46 -29.84
CA VAL A 32 -9.18 3.37 -29.60
C VAL A 32 -8.86 3.96 -28.26
N ASN A 33 -8.01 3.28 -27.49
CA ASN A 33 -7.62 3.77 -26.17
C ASN A 33 -6.21 4.35 -26.18
N LEU A 34 -6.11 5.66 -26.17
CA LEU A 34 -4.79 6.28 -26.14
C LEU A 34 -4.63 7.01 -24.84
N GLY A 35 -5.38 6.58 -23.81
CA GLY A 35 -5.38 7.24 -22.51
C GLY A 35 -4.26 6.84 -21.52
N VAL A 36 -4.59 5.92 -20.63
CA VAL A 36 -3.66 5.48 -19.61
C VAL A 36 -2.35 4.99 -20.20
N GLY A 37 -1.25 5.27 -19.48
CA GLY A 37 0.09 4.89 -19.91
C GLY A 37 0.39 3.43 -19.67
N ALA A 38 -0.21 2.57 -20.50
CA ALA A 38 0.03 1.12 -20.38
C ALA A 38 0.39 0.58 -21.75
N TYR A 39 1.23 -0.44 -21.76
CA TYR A 39 1.63 -1.02 -23.02
C TYR A 39 0.57 -1.91 -23.67
N ARG A 40 0.55 -1.87 -25.00
CA ARG A 40 -0.34 -2.68 -25.85
C ARG A 40 0.45 -3.26 -27.02
N THR A 41 0.08 -4.47 -27.43
CA THR A 41 0.73 -5.13 -28.54
C THR A 41 0.16 -4.59 -29.83
N ASP A 42 0.66 -5.07 -30.98
CA ASP A 42 0.12 -4.66 -32.28
C ASP A 42 -1.31 -5.14 -32.49
N GLU A 43 -1.76 -6.06 -31.64
CA GLU A 43 -3.12 -6.53 -31.72
C GLU A 43 -4.02 -5.73 -30.79
N GLY A 44 -3.45 -4.74 -30.12
CA GLY A 44 -4.19 -3.86 -29.22
C GLY A 44 -4.54 -4.51 -27.89
N GLN A 45 -3.77 -5.51 -27.51
CA GLN A 45 -4.04 -6.24 -26.30
C GLN A 45 -2.99 -6.00 -25.22
N PRO A 46 -3.37 -6.23 -23.97
CA PRO A 46 -2.38 -6.08 -22.90
C PRO A 46 -1.33 -7.15 -23.10
N TRP A 47 -0.13 -6.94 -22.57
CA TRP A 47 0.89 -7.94 -22.80
C TRP A 47 1.59 -8.36 -21.52
N VAL A 48 1.41 -9.62 -21.13
CA VAL A 48 2.14 -10.10 -19.96
C VAL A 48 3.52 -10.51 -20.52
N LEU A 49 4.58 -9.91 -20.01
CA LEU A 49 5.88 -10.24 -20.54
C LEU A 49 6.19 -11.74 -20.46
N PRO A 50 6.83 -12.30 -21.50
CA PRO A 50 7.19 -13.72 -21.49
C PRO A 50 8.01 -14.10 -20.24
N VAL A 51 8.92 -13.25 -19.84
CA VAL A 51 9.72 -13.51 -18.66
C VAL A 51 8.87 -13.57 -17.39
N VAL A 52 7.86 -12.70 -17.32
CA VAL A 52 6.98 -12.69 -16.17
C VAL A 52 6.17 -13.98 -16.07
N ARG A 53 5.59 -14.40 -17.20
CA ARG A 53 4.80 -15.63 -17.23
C ARG A 53 5.67 -16.79 -16.72
N LYS A 54 6.90 -16.80 -17.20
CA LYS A 54 7.86 -17.82 -16.85
C LYS A 54 8.16 -17.85 -15.34
N VAL A 55 8.41 -16.68 -14.74
CA VAL A 55 8.69 -16.63 -13.32
C VAL A 55 7.47 -16.99 -12.48
N GLU A 56 6.29 -16.60 -12.98
CA GLU A 56 5.04 -16.88 -12.30
C GLU A 56 4.87 -18.39 -12.12
N GLN A 57 5.21 -19.14 -13.17
CA GLN A 57 5.11 -20.58 -13.11
C GLN A 57 6.15 -21.14 -12.13
N LEU A 58 7.34 -20.55 -12.12
CA LEU A 58 8.36 -21.00 -11.19
C LEU A 58 7.86 -20.85 -9.76
N ILE A 59 7.36 -19.65 -9.46
CA ILE A 59 6.86 -19.33 -8.14
C ILE A 59 5.79 -20.29 -7.67
N ALA A 60 4.84 -20.54 -8.57
CA ALA A 60 3.74 -21.42 -8.27
C ALA A 60 4.15 -22.89 -8.04
N GLY A 61 5.32 -23.30 -8.52
CA GLY A 61 5.73 -24.70 -8.32
C GLY A 61 6.64 -24.87 -7.13
N ASP A 62 7.00 -23.78 -6.52
CA ASP A 62 7.89 -23.79 -5.40
C ASP A 62 7.12 -23.95 -4.08
N GLY A 63 7.01 -25.20 -3.63
CA GLY A 63 6.31 -25.54 -2.39
C GLY A 63 7.04 -25.03 -1.16
N SER A 64 8.23 -24.51 -1.35
CA SER A 64 9.01 -24.00 -0.25
C SER A 64 8.65 -22.56 0.19
N LEU A 65 7.88 -21.83 -0.61
CA LEU A 65 7.51 -20.46 -0.21
C LEU A 65 6.36 -20.45 0.78
N ASN A 66 6.35 -19.46 1.66
CA ASN A 66 5.26 -19.32 2.62
C ASN A 66 4.66 -17.94 2.49
N HIS A 67 3.73 -17.58 3.35
CA HIS A 67 3.14 -16.28 3.21
C HIS A 67 3.41 -15.38 4.40
N GLU A 68 4.44 -15.69 5.18
CA GLU A 68 4.75 -14.90 6.37
C GLU A 68 5.12 -13.44 6.03
N TYR A 69 4.83 -12.52 6.95
CA TYR A 69 5.10 -11.12 6.77
C TYR A 69 6.53 -10.85 6.28
N LEU A 70 6.65 -9.95 5.31
CA LEU A 70 7.95 -9.53 4.82
C LEU A 70 8.43 -8.46 5.85
N PRO A 71 9.72 -8.14 5.87
CA PRO A 71 10.19 -7.11 6.77
C PRO A 71 9.52 -5.82 6.33
N ILE A 72 9.36 -4.87 7.25
CA ILE A 72 8.70 -3.62 6.93
C ILE A 72 9.23 -2.90 5.67
N LEU A 73 10.56 -2.80 5.58
CA LEU A 73 11.20 -2.14 4.46
C LEU A 73 11.08 -2.93 3.14
N GLY A 74 10.72 -4.22 3.23
CA GLY A 74 10.56 -5.06 2.04
C GLY A 74 11.53 -6.23 1.90
N LEU A 75 11.29 -6.99 0.85
CA LEU A 75 12.07 -8.16 0.48
C LEU A 75 13.51 -7.75 0.16
N PRO A 76 14.46 -8.21 0.94
CA PRO A 76 15.86 -7.84 0.75
C PRO A 76 16.44 -8.02 -0.65
N GLU A 77 16.19 -9.16 -1.26
CA GLU A 77 16.71 -9.41 -2.58
C GLU A 77 16.17 -8.42 -3.55
N PHE A 78 14.90 -8.08 -3.37
CA PHE A 78 14.26 -7.13 -4.27
C PHE A 78 14.87 -5.73 -4.11
N ARG A 79 14.98 -5.27 -2.87
CA ARG A 79 15.50 -3.94 -2.58
C ARG A 79 16.88 -3.66 -3.18
N ALA A 80 17.84 -4.56 -2.87
CA ALA A 80 19.22 -4.47 -3.35
C ALA A 80 19.31 -4.47 -4.85
N ASN A 81 18.67 -5.46 -5.47
CA ASN A 81 18.67 -5.59 -6.92
C ASN A 81 17.99 -4.45 -7.65
N ALA A 82 16.92 -3.93 -7.07
CA ALA A 82 16.23 -2.83 -7.72
C ALA A 82 17.13 -1.60 -7.79
N SER A 83 17.79 -1.29 -6.66
CA SER A 83 18.69 -0.14 -6.62
C SER A 83 19.88 -0.35 -7.56
N ARG A 84 20.35 -1.59 -7.70
CA ARG A 84 21.46 -1.87 -8.58
C ARG A 84 21.13 -1.56 -10.04
N ILE A 85 19.93 -1.91 -10.46
CA ILE A 85 19.51 -1.65 -11.82
C ILE A 85 19.42 -0.13 -12.06
N ALA A 86 18.92 0.61 -11.08
CA ALA A 86 18.77 2.06 -11.26
C ALA A 86 20.12 2.79 -11.33
N LEU A 87 21.02 2.44 -10.40
CA LEU A 87 22.32 3.08 -10.24
C LEU A 87 23.46 2.45 -10.99
N GLY A 88 23.28 1.20 -11.42
CA GLY A 88 24.35 0.49 -12.12
C GLY A 88 25.20 -0.27 -11.12
N ASP A 89 25.65 -1.45 -11.52
CA ASP A 89 26.43 -2.29 -10.62
C ASP A 89 27.67 -1.61 -10.11
N ASP A 90 28.31 -0.81 -10.96
CA ASP A 90 29.55 -0.17 -10.58
C ASP A 90 29.36 1.19 -9.94
N SER A 91 28.15 1.48 -9.46
CA SER A 91 27.86 2.77 -8.81
C SER A 91 28.79 3.06 -7.66
N PRO A 92 29.37 4.27 -7.57
CA PRO A 92 30.23 4.62 -6.45
C PRO A 92 29.45 4.56 -5.12
N ALA A 93 28.17 4.91 -5.18
CA ALA A 93 27.28 4.89 -4.03
C ALA A 93 27.08 3.50 -3.46
N ILE A 94 26.98 2.49 -4.33
CA ILE A 94 26.83 1.12 -3.84
C ILE A 94 28.14 0.66 -3.23
N ALA A 95 29.25 0.93 -3.92
CA ALA A 95 30.57 0.56 -3.41
C ALA A 95 30.84 1.15 -2.03
N GLN A 96 30.41 2.38 -1.83
CA GLN A 96 30.61 3.05 -0.55
C GLN A 96 29.51 2.80 0.47
N LYS A 97 28.62 1.83 0.21
CA LYS A 97 27.55 1.49 1.14
C LYS A 97 26.70 2.70 1.52
N ARG A 98 26.48 3.55 0.57
CA ARG A 98 25.80 4.79 0.72
C ARG A 98 24.40 4.77 0.09
N VAL A 99 23.86 3.57 -0.19
CA VAL A 99 22.54 3.50 -0.80
C VAL A 99 21.60 2.64 0.02
N GLY A 100 20.39 3.14 0.24
CA GLY A 100 19.35 2.46 0.99
C GLY A 100 18.14 2.33 0.09
N SER A 101 17.34 1.31 0.33
CA SER A 101 16.20 1.04 -0.51
C SER A 101 14.98 0.60 0.33
N VAL A 102 13.83 1.20 0.03
CA VAL A 102 12.60 0.89 0.69
C VAL A 102 11.61 0.44 -0.36
N GLN A 103 11.06 -0.77 -0.20
CA GLN A 103 10.05 -1.27 -1.13
C GLN A 103 8.78 -0.44 -1.02
N GLY A 104 8.23 0.00 -2.15
CA GLY A 104 7.02 0.82 -2.11
C GLY A 104 5.90 0.21 -2.97
N LEU A 105 4.68 0.67 -2.73
CA LEU A 105 3.52 0.21 -3.47
C LEU A 105 3.53 0.96 -4.81
N GLY A 106 4.28 0.40 -5.77
CA GLY A 106 4.48 1.00 -7.08
C GLY A 106 5.28 2.30 -6.94
N GLY A 107 5.48 3.00 -8.04
CA GLY A 107 6.20 4.25 -7.99
C GLY A 107 5.47 5.27 -7.11
N THR A 108 4.14 5.24 -7.10
CA THR A 108 3.39 6.19 -6.28
C THR A 108 3.68 6.02 -4.78
N GLY A 109 3.66 4.77 -4.30
CA GLY A 109 3.92 4.46 -2.91
C GLY A 109 5.32 4.90 -2.52
N ALA A 110 6.28 4.70 -3.41
CA ALA A 110 7.67 5.12 -3.16
C ALA A 110 7.75 6.66 -3.03
N LEU A 111 7.04 7.39 -3.92
CA LEU A 111 7.00 8.83 -3.83
C LEU A 111 6.36 9.28 -2.52
N ARG A 112 5.25 8.64 -2.15
CA ARG A 112 4.56 9.03 -0.92
C ARG A 112 5.43 8.94 0.32
N ILE A 113 6.12 7.81 0.44
CA ILE A 113 6.98 7.57 1.61
C ILE A 113 8.11 8.60 1.64
N GLY A 114 8.66 8.88 0.46
CA GLY A 114 9.71 9.87 0.38
C GLY A 114 9.20 11.25 0.78
N ALA A 115 8.02 11.64 0.30
CA ALA A 115 7.43 12.93 0.69
C ALA A 115 7.21 13.03 2.20
N GLU A 116 6.66 11.96 2.79
CA GLU A 116 6.37 11.90 4.22
C GLU A 116 7.62 12.05 5.04
N PHE A 117 8.70 11.46 4.56
CA PHE A 117 9.95 11.55 5.27
C PHE A 117 10.48 12.96 5.23
N LEU A 118 10.46 13.55 4.06
CA LEU A 118 10.99 14.91 3.92
C LEU A 118 10.23 15.92 4.76
N ARG A 119 8.92 15.83 4.75
CA ARG A 119 8.12 16.77 5.53
C ARG A 119 8.46 16.77 7.03
N ARG A 120 8.88 15.62 7.53
CA ARG A 120 9.22 15.48 8.92
C ARG A 120 10.69 15.79 9.28
N TRP A 121 11.63 15.41 8.41
CA TRP A 121 13.01 15.54 8.79
C TRP A 121 13.95 16.33 7.92
N TYR A 122 13.47 16.88 6.82
CA TYR A 122 14.36 17.58 5.93
C TYR A 122 14.27 19.10 6.06
N ASN A 123 15.43 19.79 6.02
CA ASN A 123 15.38 21.25 6.10
C ASN A 123 14.62 21.74 7.34
N GLY A 124 14.88 21.10 8.46
CA GLY A 124 14.22 21.46 9.67
C GLY A 124 13.43 20.27 10.21
N ASN A 125 12.56 20.55 11.15
CA ASN A 125 11.74 19.56 11.77
C ASN A 125 10.30 19.91 11.54
N ASN A 126 9.55 19.05 10.88
CA ASN A 126 8.16 19.33 10.57
C ASN A 126 7.97 20.63 9.81
N ASN A 127 8.90 20.87 8.91
CA ASN A 127 8.88 22.06 8.09
C ASN A 127 8.10 21.82 6.80
N THR A 128 6.83 22.26 6.84
CA THR A 128 5.92 22.14 5.72
C THR A 128 6.01 23.28 4.73
N ALA A 129 6.94 24.22 4.99
CA ALA A 129 7.11 25.41 4.13
C ALA A 129 8.15 25.25 3.02
N THR A 130 8.94 24.19 3.07
CA THR A 130 9.94 23.98 2.03
C THR A 130 9.21 23.89 0.69
N PRO A 131 9.61 24.70 -0.27
CA PRO A 131 8.93 24.67 -1.54
C PRO A 131 9.19 23.39 -2.28
N VAL A 132 8.15 22.91 -2.95
CA VAL A 132 8.25 21.73 -3.78
C VAL A 132 7.90 22.10 -5.19
N TYR A 133 8.86 21.89 -6.09
CA TYR A 133 8.74 22.24 -7.48
C TYR A 133 8.43 21.05 -8.40
N VAL A 134 7.40 21.23 -9.22
CA VAL A 134 7.03 20.23 -10.21
C VAL A 134 7.12 20.86 -11.61
N SER A 135 7.30 20.04 -12.63
CA SER A 135 7.37 20.55 -13.97
C SER A 135 6.03 21.06 -14.51
N SER A 136 6.11 21.96 -15.46
CA SER A 136 4.92 22.49 -16.08
C SER A 136 4.86 22.05 -17.53
N PRO A 137 4.00 21.09 -17.87
CA PRO A 137 3.10 20.40 -16.96
C PRO A 137 3.81 19.17 -16.41
N THR A 138 3.13 18.43 -15.55
CA THR A 138 3.65 17.19 -14.95
C THR A 138 2.51 16.17 -14.73
N TRP A 139 2.87 14.95 -14.38
CA TRP A 139 1.88 13.94 -14.06
C TRP A 139 1.09 14.47 -12.86
N GLU A 140 -0.25 14.55 -13.01
CA GLU A 140 -1.21 15.08 -12.04
C GLU A 140 -0.95 14.69 -10.59
N ASN A 141 -0.65 13.42 -10.39
CA ASN A 141 -0.43 12.90 -9.07
C ASN A 141 0.76 13.47 -8.31
N HIS A 142 1.69 14.14 -8.98
CA HIS A 142 2.81 14.70 -8.22
C HIS A 142 2.33 15.72 -7.17
N ASN A 143 1.56 16.71 -7.63
CA ASN A 143 1.05 17.76 -6.75
C ASN A 143 0.31 17.16 -5.57
N SER A 144 -0.63 16.28 -5.89
CA SER A 144 -1.48 15.62 -4.89
C SER A 144 -0.72 14.87 -3.83
N VAL A 145 0.24 14.08 -4.27
CA VAL A 145 1.02 13.31 -3.32
C VAL A 145 1.74 14.21 -2.33
N PHE A 146 2.36 15.27 -2.85
CA PHE A 146 3.08 16.18 -1.97
C PHE A 146 2.20 16.99 -1.02
N MET A 147 1.02 17.42 -1.50
CA MET A 147 0.09 18.17 -0.64
C MET A 147 -0.45 17.28 0.47
N ASP A 148 -0.81 16.02 0.12
CA ASP A 148 -1.34 15.08 1.11
C ASP A 148 -0.29 14.74 2.17
N ALA A 149 0.99 14.78 1.78
CA ALA A 149 2.04 14.51 2.74
C ALA A 149 2.23 15.73 3.63
N GLY A 150 1.65 16.87 3.30
CA GLY A 150 1.80 17.99 4.22
C GLY A 150 2.39 19.27 3.67
N PHE A 151 3.00 19.20 2.47
CA PHE A 151 3.58 20.42 1.93
C PHE A 151 2.51 21.42 1.51
N LYS A 152 2.74 22.69 1.85
CA LYS A 152 1.83 23.80 1.58
C LYS A 152 2.19 24.65 0.40
N ASP A 153 3.45 24.65 0.01
CA ASP A 153 3.90 25.50 -1.09
C ASP A 153 4.43 24.71 -2.31
N ILE A 154 3.54 24.37 -3.26
CA ILE A 154 3.93 23.61 -4.46
C ILE A 154 4.05 24.60 -5.59
N ARG A 155 5.19 24.65 -6.23
CA ARG A 155 5.37 25.56 -7.33
C ARG A 155 5.73 24.81 -8.59
N THR A 156 5.79 25.55 -9.69
CA THR A 156 6.15 24.92 -10.92
C THR A 156 7.42 25.54 -11.49
N TYR A 157 8.09 24.73 -12.33
CA TYR A 157 9.23 25.17 -13.07
C TYR A 157 8.88 25.09 -14.52
N ARG A 158 9.33 26.07 -15.29
CA ARG A 158 9.06 26.09 -16.72
C ARG A 158 9.61 24.82 -17.36
N TYR A 159 8.91 24.29 -18.35
CA TYR A 159 9.36 23.08 -18.98
C TYR A 159 8.95 22.97 -20.43
N TRP A 160 7.66 22.80 -20.67
CA TRP A 160 7.16 22.69 -22.00
C TRP A 160 6.98 24.07 -22.65
N ASP A 161 7.51 24.22 -23.84
CA ASP A 161 7.35 25.45 -24.58
C ASP A 161 6.34 25.14 -25.68
N ALA A 162 5.08 25.54 -25.48
CA ALA A 162 4.06 25.24 -26.46
C ALA A 162 4.34 25.80 -27.88
N ALA A 163 4.82 27.03 -27.94
CA ALA A 163 5.12 27.65 -29.20
C ALA A 163 6.13 26.90 -30.01
N LYS A 164 7.16 26.41 -29.36
CA LYS A 164 8.26 25.70 -29.99
C LYS A 164 8.11 24.17 -29.99
N ARG A 165 7.14 23.69 -29.24
CA ARG A 165 6.91 22.27 -29.12
C ARG A 165 8.18 21.59 -28.69
N GLY A 166 8.79 22.12 -27.64
CA GLY A 166 10.01 21.55 -27.12
C GLY A 166 10.31 22.01 -25.70
N LEU A 167 11.52 21.72 -25.23
CA LEU A 167 11.96 22.10 -23.90
C LEU A 167 12.26 23.58 -23.75
N ASP A 168 11.76 24.23 -22.69
CA ASP A 168 12.09 25.63 -22.45
C ASP A 168 13.24 25.63 -21.47
N LEU A 169 14.44 25.33 -21.96
CA LEU A 169 15.61 25.25 -21.09
C LEU A 169 15.93 26.51 -20.27
N GLN A 170 15.92 27.64 -20.97
CA GLN A 170 16.22 28.92 -20.37
C GLN A 170 15.27 29.26 -19.21
N GLY A 171 13.98 29.04 -19.43
CA GLY A 171 13.03 29.34 -18.36
C GLY A 171 13.18 28.37 -17.18
N LEU A 172 13.52 27.11 -17.50
CA LEU A 172 13.71 26.10 -16.48
C LEU A 172 14.86 26.51 -15.57
N LEU A 173 15.98 26.85 -16.20
CA LEU A 173 17.15 27.25 -15.44
C LEU A 173 16.89 28.51 -14.63
N ASP A 174 16.16 29.46 -15.23
CA ASP A 174 15.80 30.72 -14.55
C ASP A 174 14.97 30.45 -13.29
N ASP A 175 14.00 29.55 -13.42
CA ASP A 175 13.16 29.22 -12.27
C ASP A 175 14.01 28.54 -11.19
N MET A 176 15.00 27.76 -11.63
CA MET A 176 15.86 27.11 -10.64
C MET A 176 16.80 28.10 -9.94
N GLU A 177 17.30 29.06 -10.72
CA GLU A 177 18.19 30.07 -10.18
C GLU A 177 17.51 30.91 -9.11
N LYS A 178 16.18 31.10 -9.24
CA LYS A 178 15.45 31.90 -8.27
C LYS A 178 14.76 31.07 -7.20
N ALA A 179 14.94 29.74 -7.23
CA ALA A 179 14.32 28.93 -6.20
C ALA A 179 15.11 29.05 -4.93
N PRO A 180 14.43 29.16 -3.82
CA PRO A 180 15.12 29.25 -2.54
C PRO A 180 15.96 28.03 -2.29
N GLU A 181 17.08 28.21 -1.62
CA GLU A 181 17.94 27.09 -1.31
C GLU A 181 17.18 26.01 -0.56
N PHE A 182 17.54 24.76 -0.80
CA PHE A 182 16.94 23.60 -0.16
C PHE A 182 15.60 23.22 -0.76
N SER A 183 15.15 23.96 -1.77
CA SER A 183 13.87 23.61 -2.38
C SER A 183 13.95 22.19 -2.93
N ILE A 184 12.81 21.52 -2.96
CA ILE A 184 12.67 20.15 -3.47
C ILE A 184 12.19 20.17 -4.91
N PHE A 185 12.91 19.53 -5.79
CA PHE A 185 12.50 19.45 -7.17
C PHE A 185 12.16 18.03 -7.59
N ILE A 186 10.98 17.86 -8.14
CA ILE A 186 10.52 16.58 -8.64
C ILE A 186 10.94 16.52 -10.09
N LEU A 187 11.87 15.58 -10.37
CA LEU A 187 12.44 15.43 -11.69
C LEU A 187 12.09 14.08 -12.31
N HIS A 188 11.70 14.10 -13.60
CA HIS A 188 11.42 12.85 -14.30
C HIS A 188 12.77 12.33 -14.83
N ALA A 189 13.16 11.13 -14.44
CA ALA A 189 14.43 10.56 -14.86
C ALA A 189 14.59 10.45 -16.39
N CYS A 190 13.52 10.07 -17.08
CA CYS A 190 13.46 9.96 -18.53
C CYS A 190 12.00 9.72 -18.94
N ALA A 191 11.66 9.86 -20.23
CA ALA A 191 10.31 9.63 -20.67
C ALA A 191 9.31 10.51 -19.90
N HIS A 192 9.53 11.82 -19.96
CA HIS A 192 8.66 12.78 -19.29
C HIS A 192 7.16 12.51 -19.53
N ASN A 193 6.40 12.57 -18.43
CA ASN A 193 4.97 12.37 -18.43
C ASN A 193 4.40 13.69 -18.00
N PRO A 194 3.61 14.37 -18.86
CA PRO A 194 3.01 13.82 -20.06
C PRO A 194 3.58 14.28 -21.38
N THR A 195 4.66 15.06 -21.40
CA THR A 195 5.15 15.60 -22.68
C THR A 195 5.97 14.68 -23.54
N GLY A 196 6.72 13.79 -22.93
CA GLY A 196 7.57 12.96 -23.76
C GLY A 196 8.85 13.71 -24.13
N THR A 197 8.99 14.95 -23.67
CA THR A 197 10.19 15.76 -23.92
C THR A 197 11.17 15.69 -22.75
N ASP A 198 12.40 15.25 -23.03
CA ASP A 198 13.42 15.12 -22.00
C ASP A 198 14.62 16.03 -22.29
N PRO A 199 15.36 16.39 -21.25
CA PRO A 199 16.55 17.19 -21.47
C PRO A 199 17.61 16.28 -22.04
N THR A 200 18.54 16.81 -22.85
CA THR A 200 19.60 15.96 -23.35
C THR A 200 20.66 15.88 -22.23
N PRO A 201 21.62 14.95 -22.35
CA PRO A 201 22.65 14.83 -21.34
C PRO A 201 23.38 16.14 -21.09
N ASP A 202 23.62 16.90 -22.15
CA ASP A 202 24.27 18.20 -22.01
C ASP A 202 23.40 19.17 -21.23
N GLU A 203 22.08 19.12 -21.47
CA GLU A 203 21.17 19.99 -20.73
C GLU A 203 21.09 19.55 -19.25
N TRP A 204 21.09 18.22 -19.03
CA TRP A 204 21.08 17.73 -17.66
C TRP A 204 22.28 18.27 -16.89
N LYS A 205 23.44 18.37 -17.52
CA LYS A 205 24.62 18.87 -16.82
C LYS A 205 24.45 20.31 -16.33
N GLN A 206 23.73 21.13 -17.15
CA GLN A 206 23.43 22.52 -16.82
C GLN A 206 22.47 22.56 -15.63
N ILE A 207 21.50 21.65 -15.67
CA ILE A 207 20.53 21.55 -14.59
C ILE A 207 21.23 21.22 -13.28
N ALA A 208 22.07 20.17 -13.30
CA ALA A 208 22.80 19.78 -12.11
C ALA A 208 23.71 20.88 -11.52
N ALA A 209 24.31 21.71 -12.38
CA ALA A 209 25.18 22.78 -11.91
C ALA A 209 24.45 23.79 -11.03
N VAL A 210 23.25 24.18 -11.44
CA VAL A 210 22.41 25.10 -10.68
C VAL A 210 21.97 24.48 -9.39
N MET A 211 21.46 23.23 -9.49
CA MET A 211 20.99 22.50 -8.29
C MET A 211 22.07 22.32 -7.23
N LYS A 212 23.31 22.02 -7.65
CA LYS A 212 24.39 21.85 -6.70
C LYS A 212 24.71 23.15 -5.97
N ARG A 213 24.85 24.19 -6.79
CA ARG A 213 25.15 25.53 -6.34
C ARG A 213 24.15 26.06 -5.33
N ARG A 214 22.86 25.82 -5.60
CA ARG A 214 21.82 26.30 -4.72
C ARG A 214 21.31 25.28 -3.74
N CYS A 215 21.96 24.12 -3.67
CA CYS A 215 21.53 23.12 -2.71
C CYS A 215 20.08 22.67 -2.93
N LEU A 216 19.69 22.55 -4.17
CA LEU A 216 18.34 22.10 -4.47
C LEU A 216 18.30 20.56 -4.36
N PHE A 217 17.21 20.02 -3.83
CA PHE A 217 17.09 18.57 -3.61
C PHE A 217 16.50 17.85 -4.81
N PRO A 218 17.24 16.87 -5.36
CA PRO A 218 16.72 16.17 -6.53
C PRO A 218 15.93 14.93 -6.11
N PHE A 219 14.64 14.95 -6.42
CA PHE A 219 13.75 13.84 -6.12
C PHE A 219 13.31 13.27 -7.45
N PHE A 220 14.01 12.24 -7.88
CA PHE A 220 13.68 11.65 -9.16
C PHE A 220 12.51 10.67 -9.11
N ASP A 221 11.73 10.74 -10.16
CA ASP A 221 10.63 9.86 -10.41
C ASP A 221 11.02 9.05 -11.66
N SER A 222 11.35 7.77 -11.46
CA SER A 222 11.80 6.92 -12.54
C SER A 222 10.81 5.80 -12.80
N ALA A 223 9.84 6.06 -13.67
CA ALA A 223 8.83 5.06 -13.91
C ALA A 223 8.98 4.38 -15.25
N TYR A 224 9.97 4.79 -16.04
CA TYR A 224 10.08 4.22 -17.37
C TYR A 224 11.47 3.78 -17.76
N GLN A 225 12.29 3.34 -16.80
CA GLN A 225 13.67 2.90 -17.10
C GLN A 225 13.66 1.73 -18.07
N GLY A 226 14.30 1.90 -19.24
CA GLY A 226 14.32 0.84 -20.25
C GLY A 226 13.31 1.12 -21.34
N PHE A 227 12.15 1.56 -20.90
CA PHE A 227 11.05 1.87 -21.79
C PHE A 227 11.38 2.96 -22.77
N ALA A 228 12.07 3.96 -22.31
CA ALA A 228 12.42 5.08 -23.15
C ALA A 228 13.18 4.72 -24.42
N SER A 229 14.40 4.24 -24.24
CA SER A 229 15.30 3.89 -25.33
C SER A 229 15.53 2.41 -25.55
N GLY A 230 14.96 1.57 -24.75
CA GLY A 230 15.22 0.16 -24.89
C GLY A 230 16.49 -0.25 -24.15
N SER A 231 17.21 0.73 -23.59
CA SER A 231 18.44 0.48 -22.84
C SER A 231 18.34 0.95 -21.40
N LEU A 232 18.50 0.03 -20.46
CA LEU A 232 18.45 0.35 -19.03
C LEU A 232 19.52 1.39 -18.63
N ASP A 233 20.72 1.31 -19.22
CA ASP A 233 21.82 2.23 -18.90
C ASP A 233 21.62 3.63 -19.45
N LYS A 234 21.23 3.73 -20.71
CA LYS A 234 20.98 5.02 -21.28
C LYS A 234 19.90 5.73 -20.47
N ASP A 235 18.82 5.01 -20.18
CA ASP A 235 17.67 5.56 -19.48
C ASP A 235 17.95 6.05 -18.07
N ALA A 236 19.01 5.53 -17.45
CA ALA A 236 19.36 5.92 -16.11
C ALA A 236 20.50 6.95 -16.08
N TRP A 237 20.89 7.43 -17.25
CA TRP A 237 22.03 8.37 -17.35
C TRP A 237 21.97 9.53 -16.38
N ALA A 238 20.84 10.27 -16.41
CA ALA A 238 20.62 11.43 -15.55
C ALA A 238 20.81 11.11 -14.06
N VAL A 239 20.14 10.05 -13.58
CA VAL A 239 20.23 9.65 -12.19
C VAL A 239 21.67 9.37 -11.77
N ARG A 240 22.36 8.56 -12.57
CA ARG A 240 23.72 8.17 -12.28
C ARG A 240 24.68 9.37 -12.30
N TYR A 241 24.38 10.33 -13.20
CA TYR A 241 25.20 11.55 -13.34
C TYR A 241 25.14 12.33 -12.04
N PHE A 242 23.91 12.52 -11.53
CA PHE A 242 23.74 13.23 -10.26
C PHE A 242 24.48 12.50 -9.14
N VAL A 243 24.38 11.16 -9.09
CA VAL A 243 25.06 10.40 -8.04
C VAL A 243 26.57 10.64 -8.14
N SER A 244 27.08 10.57 -9.37
CA SER A 244 28.52 10.77 -9.57
C SER A 244 29.00 12.17 -9.23
N GLU A 245 28.12 13.16 -9.36
CA GLU A 245 28.41 14.54 -9.04
C GLU A 245 28.36 14.78 -7.54
N GLY A 246 28.06 13.72 -6.82
CA GLY A 246 28.01 13.78 -5.36
C GLY A 246 26.74 14.23 -4.67
N PHE A 247 25.60 14.28 -5.36
CA PHE A 247 24.39 14.69 -4.68
C PHE A 247 23.87 13.62 -3.77
N GLU A 248 23.10 14.08 -2.80
CA GLU A 248 22.32 13.26 -1.91
C GLU A 248 20.93 13.31 -2.56
N LEU A 249 20.27 12.19 -2.78
CA LEU A 249 19.01 12.30 -3.50
C LEU A 249 18.11 11.11 -3.26
N PHE A 250 16.88 11.23 -3.80
CA PHE A 250 15.92 10.12 -3.70
C PHE A 250 15.54 9.74 -5.12
N CYS A 251 15.22 8.48 -5.36
CA CYS A 251 14.80 8.05 -6.68
C CYS A 251 13.62 7.12 -6.50
N ALA A 252 12.42 7.55 -6.92
CA ALA A 252 11.24 6.69 -6.81
C ALA A 252 11.14 5.87 -8.10
N GLN A 253 11.37 4.56 -7.93
CA GLN A 253 11.33 3.69 -9.10
C GLN A 253 10.10 2.79 -9.22
N SER A 254 9.52 2.77 -10.41
CA SER A 254 8.36 1.93 -10.60
C SER A 254 8.69 0.76 -11.51
N PHE A 255 8.12 -0.42 -11.24
CA PHE A 255 8.29 -1.57 -12.13
C PHE A 255 6.96 -1.84 -12.84
N SER A 256 6.00 -0.94 -12.65
CA SER A 256 4.71 -1.13 -13.31
C SER A 256 4.78 -1.24 -14.83
N LYS A 257 5.55 -0.36 -15.46
CA LYS A 257 5.60 -0.30 -16.90
C LYS A 257 6.69 -1.13 -17.53
N ASN A 258 7.92 -1.06 -16.98
CA ASN A 258 9.04 -1.84 -17.54
C ASN A 258 8.90 -3.38 -17.35
N PHE A 259 8.12 -3.80 -16.33
CA PHE A 259 7.86 -5.22 -16.12
C PHE A 259 6.42 -5.56 -16.46
N GLY A 260 5.61 -4.54 -16.74
CA GLY A 260 4.20 -4.78 -17.07
C GLY A 260 3.44 -5.35 -15.89
N LEU A 261 3.94 -5.01 -14.67
CA LEU A 261 3.40 -5.45 -13.39
C LEU A 261 2.51 -4.39 -12.70
N TYR A 262 1.76 -3.62 -13.49
CA TYR A 262 0.87 -2.58 -13.04
C TYR A 262 0.07 -2.97 -11.79
N ASN A 263 -0.68 -4.08 -11.88
CA ASN A 263 -1.52 -4.52 -10.78
C ASN A 263 -0.86 -5.24 -9.61
N GLU A 264 0.47 -5.34 -9.60
CA GLU A 264 1.14 -5.97 -8.49
C GLU A 264 1.85 -4.95 -7.62
N ARG A 265 1.77 -3.68 -8.02
CA ARG A 265 2.29 -2.53 -7.27
C ARG A 265 3.72 -2.68 -6.72
N VAL A 266 4.68 -2.79 -7.62
CA VAL A 266 6.06 -2.96 -7.23
C VAL A 266 6.86 -1.70 -7.52
N GLY A 267 7.44 -1.12 -6.49
CA GLY A 267 8.25 0.07 -6.64
C GLY A 267 9.36 0.01 -5.60
N ASN A 268 10.27 0.96 -5.72
CA ASN A 268 11.37 1.02 -4.79
C ASN A 268 11.82 2.47 -4.64
N LEU A 269 12.12 2.85 -3.41
CA LEU A 269 12.61 4.18 -3.11
C LEU A 269 14.10 4.03 -2.75
N SER A 270 14.97 4.55 -3.62
CA SER A 270 16.40 4.49 -3.40
C SER A 270 16.82 5.77 -2.73
N VAL A 271 17.57 5.65 -1.67
CA VAL A 271 18.08 6.79 -0.91
C VAL A 271 19.59 6.79 -1.06
N VAL A 272 20.12 7.89 -1.58
CA VAL A 272 21.54 8.07 -1.74
C VAL A 272 21.97 9.17 -0.79
N GLY A 273 22.77 8.82 0.22
CA GLY A 273 23.21 9.80 1.18
C GLY A 273 24.72 9.93 1.16
N LYS A 274 25.24 10.81 2.02
CA LYS A 274 26.68 11.06 2.11
C LYS A 274 27.45 9.87 2.58
N ASP A 275 26.86 9.12 3.50
CA ASP A 275 27.53 7.95 4.03
C ASP A 275 26.55 6.89 4.49
N GLU A 276 27.12 5.77 4.95
CA GLU A 276 26.33 4.64 5.42
C GLU A 276 25.41 4.91 6.61
N ASP A 277 25.97 5.55 7.65
CA ASP A 277 25.25 5.88 8.87
C ASP A 277 24.02 6.74 8.60
N ASN A 278 24.22 7.76 7.78
CA ASN A 278 23.11 8.64 7.43
C ASN A 278 21.96 7.89 6.72
N VAL A 279 22.30 7.03 5.75
CA VAL A 279 21.26 6.29 5.07
C VAL A 279 20.56 5.35 6.05
N GLN A 280 21.30 4.76 6.97
CA GLN A 280 20.68 3.84 7.93
C GLN A 280 19.67 4.56 8.82
N ARG A 281 20.02 5.78 9.22
CA ARG A 281 19.13 6.57 10.04
C ARG A 281 17.89 6.98 9.28
N VAL A 282 18.08 7.29 8.00
CA VAL A 282 16.92 7.66 7.20
C VAL A 282 15.94 6.50 7.12
N LEU A 283 16.51 5.32 6.84
CA LEU A 283 15.76 4.06 6.72
C LEU A 283 14.98 3.73 7.99
N SER A 284 15.64 3.93 9.14
CA SER A 284 15.00 3.63 10.41
C SER A 284 13.73 4.46 10.58
N GLN A 285 13.72 5.69 10.04
CA GLN A 285 12.55 6.55 10.14
C GLN A 285 11.53 6.14 9.10
N MET A 286 12.01 5.73 7.94
CA MET A 286 11.09 5.33 6.91
C MET A 286 10.32 4.07 7.34
N GLU A 287 10.94 3.24 8.17
CA GLU A 287 10.26 2.05 8.67
C GLU A 287 9.02 2.44 9.51
N LYS A 288 9.15 3.53 10.29
CA LYS A 288 8.04 4.00 11.11
C LYS A 288 6.92 4.55 10.26
N ILE A 289 7.29 5.17 9.15
CA ILE A 289 6.33 5.77 8.22
C ILE A 289 5.57 4.69 7.49
N VAL A 290 6.27 3.66 7.04
CA VAL A 290 5.63 2.56 6.35
C VAL A 290 4.67 1.82 7.28
N ARG A 291 5.13 1.60 8.50
CA ARG A 291 4.37 0.86 9.49
C ARG A 291 2.94 1.38 9.64
N THR A 292 2.73 2.71 9.57
CA THR A 292 1.40 3.28 9.76
C THR A 292 0.62 3.50 8.48
N THR A 293 1.21 3.08 7.35
CA THR A 293 0.60 3.29 6.03
C THR A 293 0.11 1.97 5.46
N TRP A 294 1.04 1.03 5.24
CA TRP A 294 0.66 -0.27 4.76
C TRP A 294 1.21 -1.39 5.63
N SER A 295 1.95 -1.03 6.72
CA SER A 295 2.53 -1.96 7.67
C SER A 295 3.77 -2.68 7.09
N ASN A 296 3.58 -3.42 6.00
CA ASN A 296 4.65 -4.14 5.30
C ASN A 296 4.13 -4.37 3.87
N PRO A 297 5.01 -4.56 2.90
CA PRO A 297 4.59 -4.64 1.50
C PRO A 297 4.21 -6.03 1.02
N PRO A 298 3.51 -6.09 -0.10
CA PRO A 298 3.08 -7.39 -0.65
C PRO A 298 4.27 -8.09 -1.27
N SER A 299 4.18 -9.40 -1.47
CA SER A 299 5.34 -10.06 -2.00
C SER A 299 5.38 -10.51 -3.44
N GLN A 300 4.23 -10.85 -4.02
CA GLN A 300 4.19 -11.40 -5.36
C GLN A 300 5.04 -10.66 -6.41
N GLY A 301 4.74 -9.38 -6.58
CA GLY A 301 5.43 -8.54 -7.56
C GLY A 301 6.92 -8.42 -7.31
N ALA A 302 7.29 -8.20 -6.06
CA ALA A 302 8.69 -8.07 -5.66
C ALA A 302 9.49 -9.34 -5.94
N ARG A 303 8.86 -10.49 -5.70
CA ARG A 303 9.47 -11.80 -5.89
C ARG A 303 9.70 -12.06 -7.39
N ILE A 304 8.76 -11.63 -8.23
CA ILE A 304 8.92 -11.79 -9.67
C ILE A 304 10.14 -10.98 -10.15
N VAL A 305 10.20 -9.73 -9.69
CA VAL A 305 11.31 -8.85 -10.09
C VAL A 305 12.67 -9.35 -9.56
N ALA A 306 12.72 -9.73 -8.29
CA ALA A 306 13.94 -10.23 -7.68
C ALA A 306 14.44 -11.50 -8.38
N THR A 307 13.53 -12.41 -8.69
CA THR A 307 13.91 -13.63 -9.38
C THR A 307 14.51 -13.33 -10.75
N THR A 308 13.88 -12.42 -11.49
CA THR A 308 14.33 -12.06 -12.83
C THR A 308 15.71 -11.37 -12.84
N LEU A 309 15.90 -10.44 -11.90
CA LEU A 309 17.13 -9.68 -11.80
C LEU A 309 18.32 -10.49 -11.33
N THR A 310 18.10 -11.56 -10.58
CA THR A 310 19.18 -12.34 -10.02
C THR A 310 19.56 -13.53 -10.87
N SER A 311 18.78 -13.82 -11.92
CA SER A 311 19.11 -14.95 -12.77
C SER A 311 19.66 -14.43 -14.09
N PRO A 312 20.87 -14.83 -14.47
CA PRO A 312 21.42 -14.30 -15.70
C PRO A 312 20.56 -14.56 -16.93
N GLN A 313 20.02 -15.76 -17.03
CA GLN A 313 19.21 -16.01 -18.19
C GLN A 313 17.91 -15.24 -18.23
N LEU A 314 17.26 -15.14 -17.05
CA LEU A 314 15.99 -14.42 -16.97
C LEU A 314 16.22 -12.93 -17.19
N PHE A 315 17.34 -12.41 -16.64
CA PHE A 315 17.67 -11.01 -16.79
C PHE A 315 17.84 -10.64 -18.27
N ALA A 316 18.48 -11.53 -19.05
CA ALA A 316 18.69 -11.29 -20.46
C ALA A 316 17.38 -11.31 -21.22
N GLU A 317 16.51 -12.24 -20.84
CA GLU A 317 15.22 -12.34 -21.49
C GLU A 317 14.38 -11.08 -21.17
N TRP A 318 14.45 -10.60 -19.93
CA TRP A 318 13.72 -9.39 -19.57
C TRP A 318 14.19 -8.21 -20.42
N LYS A 319 15.50 -8.04 -20.53
CA LYS A 319 16.02 -6.95 -21.37
C LYS A 319 15.49 -7.02 -22.81
N ASP A 320 15.35 -8.24 -23.34
CA ASP A 320 14.83 -8.40 -24.68
C ASP A 320 13.35 -7.98 -24.76
N ASN A 321 12.58 -8.39 -23.74
CA ASN A 321 11.18 -8.04 -23.67
C ASN A 321 11.01 -6.54 -23.62
N VAL A 322 11.84 -5.88 -22.83
CA VAL A 322 11.79 -4.42 -22.71
C VAL A 322 12.12 -3.75 -24.05
N LYS A 323 13.15 -4.25 -24.72
CA LYS A 323 13.51 -3.69 -26.02
C LYS A 323 12.41 -3.90 -27.06
N THR A 324 11.62 -4.97 -26.93
CA THR A 324 10.52 -5.20 -27.86
C THR A 324 9.48 -4.06 -27.74
N MET A 325 9.19 -3.69 -26.49
CA MET A 325 8.21 -2.64 -26.24
C MET A 325 8.71 -1.29 -26.73
N ALA A 326 9.98 -0.98 -26.42
CA ALA A 326 10.55 0.28 -26.82
C ALA A 326 10.59 0.42 -28.35
N ASP A 327 10.97 -0.66 -29.05
CA ASP A 327 11.05 -0.65 -30.50
C ASP A 327 9.69 -0.46 -31.12
N ARG A 328 8.66 -1.05 -30.48
CA ARG A 328 7.31 -0.91 -31.03
C ARG A 328 6.86 0.55 -31.02
N VAL A 329 7.13 1.20 -29.91
CA VAL A 329 6.76 2.59 -29.77
C VAL A 329 7.50 3.45 -30.80
N LEU A 330 8.78 3.14 -31.04
CA LEU A 330 9.57 3.89 -32.02
C LEU A 330 8.93 3.83 -33.41
N LEU A 331 8.48 2.64 -33.73
CA LEU A 331 7.84 2.36 -34.99
C LEU A 331 6.57 3.19 -35.13
N MET A 332 5.76 3.17 -34.08
CA MET A 332 4.52 3.93 -34.08
C MET A 332 4.75 5.44 -34.22
N ARG A 333 5.85 5.94 -33.62
CA ARG A 333 6.16 7.35 -33.70
C ARG A 333 6.44 7.72 -35.12
N SER A 334 7.31 6.92 -35.72
CA SER A 334 7.66 7.14 -37.11
C SER A 334 6.45 7.09 -38.07
N GLU A 335 5.58 6.11 -37.84
CA GLU A 335 4.41 5.87 -38.66
C GLU A 335 3.32 6.94 -38.57
N LEU A 336 3.07 7.43 -37.35
CA LEU A 336 2.03 8.45 -37.17
C LEU A 336 2.46 9.77 -37.83
N ARG A 337 3.68 10.14 -37.52
CA ARG A 337 4.27 11.37 -38.07
C ARG A 337 4.20 11.39 -39.58
N SER A 338 4.58 10.26 -40.16
CA SER A 338 4.57 10.16 -41.61
C SER A 338 3.17 10.41 -42.19
N ARG A 339 2.17 9.77 -41.56
CA ARG A 339 0.80 9.90 -42.00
C ARG A 339 0.30 11.33 -41.88
N LEU A 340 0.57 11.90 -40.71
CA LEU A 340 0.12 13.25 -40.47
C LEU A 340 0.64 14.19 -41.56
N GLU A 341 1.92 14.01 -41.88
CA GLU A 341 2.56 14.81 -42.89
C GLU A 341 1.99 14.62 -44.28
N SER A 342 1.81 13.40 -44.69
CA SER A 342 1.27 13.10 -46.02
C SER A 342 -0.19 13.51 -46.17
N LEU A 343 -0.89 13.68 -45.05
CA LEU A 343 -2.28 14.08 -45.07
C LEU A 343 -2.36 15.61 -45.21
N GLY A 344 -1.24 16.28 -44.95
CA GLY A 344 -1.12 17.73 -45.03
C GLY A 344 -1.67 18.40 -43.80
N THR A 345 -1.48 17.80 -42.65
CA THR A 345 -2.01 18.34 -41.41
C THR A 345 -1.29 19.61 -40.97
N PRO A 346 -2.04 20.68 -40.69
CA PRO A 346 -1.40 21.92 -40.28
C PRO A 346 -0.44 21.80 -39.11
N GLY A 347 0.62 22.59 -39.13
CA GLY A 347 1.59 22.56 -38.05
C GLY A 347 2.79 21.65 -38.31
N THR A 348 3.68 21.54 -37.33
CA THR A 348 4.85 20.70 -37.44
C THR A 348 4.63 19.49 -36.58
N TRP A 349 5.08 18.32 -37.05
CA TRP A 349 4.85 17.10 -36.34
C TRP A 349 6.12 16.41 -35.95
N ASN A 350 7.23 17.13 -36.01
CA ASN A 350 8.48 16.48 -35.65
C ASN A 350 8.55 16.16 -34.18
N HIS A 351 7.77 16.84 -33.37
CA HIS A 351 7.78 16.52 -31.96
C HIS A 351 7.35 15.06 -31.76
N ILE A 352 6.60 14.52 -32.70
CA ILE A 352 6.13 13.14 -32.60
C ILE A 352 7.32 12.16 -32.60
N THR A 353 8.36 12.47 -33.38
CA THR A 353 9.52 11.60 -33.39
C THR A 353 10.62 12.06 -32.44
N ASP A 354 10.54 13.31 -32.01
CA ASP A 354 11.51 13.87 -31.08
C ASP A 354 11.22 13.39 -29.67
N GLN A 355 9.96 13.17 -29.43
CA GLN A 355 9.53 12.76 -28.10
C GLN A 355 9.92 11.35 -27.76
N ILE A 356 10.01 11.06 -26.47
CA ILE A 356 10.48 9.77 -25.97
C ILE A 356 9.58 9.08 -24.95
N GLY A 357 9.55 7.76 -25.00
CA GLY A 357 8.76 6.97 -24.06
C GLY A 357 7.36 6.73 -24.60
N MET A 358 6.41 6.56 -23.68
CA MET A 358 5.04 6.27 -24.05
C MET A 358 4.24 7.41 -24.66
N PHE A 359 4.46 8.62 -24.14
CA PHE A 359 3.65 9.75 -24.52
C PHE A 359 4.14 10.76 -25.52
N SER A 360 3.16 11.36 -26.16
CA SER A 360 3.34 12.47 -27.07
C SER A 360 2.33 13.54 -26.67
N PHE A 361 2.79 14.78 -26.66
CA PHE A 361 1.93 15.91 -26.37
C PHE A 361 1.51 16.41 -27.77
N THR A 362 0.27 16.17 -28.17
CA THR A 362 -0.17 16.53 -29.50
C THR A 362 -0.34 18.00 -29.79
N GLY A 363 -0.83 18.78 -28.83
CA GLY A 363 -1.05 20.19 -29.08
C GLY A 363 -2.53 20.46 -29.31
N LEU A 364 -3.34 19.39 -29.28
CA LEU A 364 -4.77 19.52 -29.45
C LEU A 364 -5.39 20.23 -28.28
N ASN A 365 -6.29 21.13 -28.61
CA ASN A 365 -6.99 21.90 -27.61
C ASN A 365 -8.15 21.08 -27.07
N PRO A 366 -8.74 21.57 -25.98
CA PRO A 366 -9.82 20.84 -25.37
C PRO A 366 -11.01 20.56 -26.25
N LYS A 367 -11.40 21.49 -27.14
CA LYS A 367 -12.53 21.19 -28.00
C LYS A 367 -12.16 20.13 -29.02
N GLN A 368 -10.91 20.15 -29.45
CA GLN A 368 -10.42 19.17 -30.39
C GLN A 368 -10.36 17.77 -29.78
N VAL A 369 -10.04 17.68 -28.50
CA VAL A 369 -9.99 16.41 -27.79
C VAL A 369 -11.41 15.85 -27.64
N GLU A 370 -12.37 16.73 -27.35
CA GLU A 370 -13.78 16.36 -27.19
C GLU A 370 -14.30 15.73 -28.46
N TYR A 371 -13.91 16.33 -29.57
CA TYR A 371 -14.27 15.81 -30.87
C TYR A 371 -13.74 14.39 -31.07
N MET A 372 -12.45 14.21 -30.77
CA MET A 372 -11.82 12.89 -30.89
C MET A 372 -12.60 11.82 -30.09
N ILE A 373 -13.01 12.19 -28.88
CA ILE A 373 -13.72 11.26 -28.05
C ILE A 373 -15.15 11.00 -28.47
N LYS A 374 -15.96 12.06 -28.45
CA LYS A 374 -17.39 11.99 -28.74
C LYS A 374 -17.69 11.45 -30.12
N GLU A 375 -17.01 11.99 -31.12
CA GLU A 375 -17.20 11.66 -32.52
C GLU A 375 -16.38 10.54 -33.13
N LYS A 376 -15.10 10.45 -32.77
CA LYS A 376 -14.25 9.43 -33.34
C LYS A 376 -14.02 8.22 -32.43
N HIS A 377 -14.44 8.31 -31.19
CA HIS A 377 -14.25 7.22 -30.23
C HIS A 377 -12.78 6.91 -29.94
N ILE A 378 -11.96 7.99 -29.95
CA ILE A 378 -10.54 7.90 -29.66
C ILE A 378 -10.37 8.54 -28.28
N TYR A 379 -10.03 7.74 -27.25
CA TYR A 379 -9.91 8.25 -25.89
C TYR A 379 -8.51 8.73 -25.58
N LEU A 380 -8.40 9.99 -25.15
CA LEU A 380 -7.14 10.59 -24.81
C LEU A 380 -7.35 11.57 -23.69
N MET A 381 -6.29 12.01 -23.01
CA MET A 381 -6.42 12.94 -21.90
C MET A 381 -6.80 14.32 -22.39
N ALA A 382 -7.51 15.05 -21.53
CA ALA A 382 -7.96 16.39 -21.88
C ALA A 382 -6.83 17.31 -22.31
N SER A 383 -5.62 17.03 -21.84
CA SER A 383 -4.45 17.84 -22.16
C SER A 383 -3.93 17.60 -23.56
N GLY A 384 -4.49 16.61 -24.25
CA GLY A 384 -4.05 16.26 -25.58
C GLY A 384 -2.91 15.27 -25.53
N ARG A 385 -2.59 14.76 -24.35
CA ARG A 385 -1.53 13.75 -24.25
C ARG A 385 -2.02 12.43 -24.85
N ILE A 386 -1.19 11.78 -25.65
CA ILE A 386 -1.61 10.49 -26.20
C ILE A 386 -0.61 9.40 -25.83
N ASN A 387 -1.16 8.20 -25.61
CA ASN A 387 -0.34 7.05 -25.29
C ASN A 387 -0.02 6.38 -26.62
N MET A 388 1.25 6.45 -27.05
CA MET A 388 1.67 5.87 -28.33
C MET A 388 1.52 4.39 -28.39
N CYS A 389 1.46 3.76 -27.23
CA CYS A 389 1.32 2.29 -27.18
C CYS A 389 -0.04 1.80 -27.63
N GLY A 390 -1.03 2.71 -27.64
CA GLY A 390 -2.39 2.38 -28.05
C GLY A 390 -2.52 2.30 -29.56
N LEU A 391 -1.49 2.81 -30.26
CA LEU A 391 -1.46 2.80 -31.71
C LEU A 391 -1.01 1.45 -32.26
N THR A 392 -1.65 1.02 -33.34
CA THR A 392 -1.32 -0.26 -33.97
C THR A 392 -1.28 -0.09 -35.49
N THR A 393 -0.72 -1.10 -36.18
CA THR A 393 -0.68 -1.03 -37.62
C THR A 393 -2.07 -0.98 -38.20
N LYS A 394 -3.02 -1.55 -37.46
CA LYS A 394 -4.40 -1.58 -37.91
C LYS A 394 -5.17 -0.29 -37.64
N ASN A 395 -4.84 0.48 -36.59
CA ASN A 395 -5.61 1.68 -36.32
C ASN A 395 -4.93 3.00 -36.70
N LEU A 396 -3.67 2.92 -37.16
CA LEU A 396 -2.87 4.12 -37.51
C LEU A 396 -3.56 5.12 -38.43
N ASP A 397 -4.08 4.61 -39.54
CA ASP A 397 -4.76 5.43 -40.53
C ASP A 397 -5.95 6.19 -39.95
N TYR A 398 -6.77 5.49 -39.19
CA TYR A 398 -7.94 6.06 -38.56
C TYR A 398 -7.56 7.18 -37.59
N VAL A 399 -6.59 6.92 -36.73
CA VAL A 399 -6.17 7.92 -35.77
C VAL A 399 -5.55 9.14 -36.46
N ALA A 400 -4.70 8.91 -37.45
CA ALA A 400 -4.08 10.02 -38.15
C ALA A 400 -5.10 10.88 -38.89
N LYS A 401 -6.12 10.23 -39.47
CA LYS A 401 -7.18 10.97 -40.15
C LYS A 401 -8.04 11.76 -39.17
N SER A 402 -8.28 11.16 -37.99
CA SER A 402 -9.07 11.78 -36.94
C SER A 402 -8.38 13.04 -36.44
N ILE A 403 -7.05 12.96 -36.24
CA ILE A 403 -6.27 14.11 -35.80
C ILE A 403 -6.33 15.23 -36.86
N HIS A 404 -6.20 14.79 -38.12
CA HIS A 404 -6.30 15.71 -39.25
C HIS A 404 -7.64 16.46 -39.25
N GLU A 405 -8.74 15.74 -39.04
CA GLU A 405 -10.05 16.34 -38.98
C GLU A 405 -10.16 17.32 -37.80
N ALA A 406 -9.65 16.90 -36.65
CA ALA A 406 -9.69 17.71 -35.46
C ALA A 406 -8.97 19.05 -35.64
N VAL A 407 -7.77 19.02 -36.23
CA VAL A 407 -7.03 20.26 -36.40
C VAL A 407 -7.62 21.15 -37.46
N THR A 408 -8.20 20.55 -38.49
CA THR A 408 -8.77 21.26 -39.61
C THR A 408 -10.22 21.72 -39.46
N LYS A 409 -11.09 20.90 -38.86
CA LYS A 409 -12.50 21.25 -38.72
C LYS A 409 -12.91 21.82 -37.38
N ILE A 410 -12.07 21.70 -36.36
CA ILE A 410 -12.42 22.23 -35.05
C ILE A 410 -11.56 23.45 -34.82
N GLN A 411 -10.40 23.39 -35.45
CA GLN A 411 -9.45 24.50 -35.54
C GLN A 411 -8.73 25.02 -34.29
N ALA B 1 30.21 18.31 2.35
CA ALA B 1 30.26 17.87 3.74
C ALA B 1 28.95 18.15 4.47
N ALA B 2 28.71 17.39 5.53
CA ALA B 2 27.50 17.53 6.30
C ALA B 2 26.30 17.16 5.46
N SER B 3 25.89 15.94 5.65
CA SER B 3 24.77 15.43 4.94
C SER B 3 23.54 16.18 5.36
N ILE B 4 22.53 16.27 4.45
CA ILE B 4 21.24 16.90 4.76
C ILE B 4 20.49 16.03 5.77
N PHE B 5 20.99 14.81 6.01
CA PHE B 5 20.37 13.88 6.96
C PHE B 5 21.14 13.71 8.26
N ALA B 6 22.22 14.49 8.42
CA ALA B 6 23.08 14.41 9.60
C ALA B 6 22.36 14.40 10.92
N ALA B 7 21.35 15.22 11.04
CA ALA B 7 20.66 15.34 12.29
C ALA B 7 19.42 14.41 12.44
N VAL B 8 19.22 13.50 11.49
CA VAL B 8 18.09 12.56 11.57
C VAL B 8 18.42 11.47 12.57
N PRO B 9 17.66 11.41 13.65
CA PRO B 9 17.92 10.43 14.67
C PRO B 9 17.59 9.01 14.26
N ARG B 10 18.25 8.07 14.93
CA ARG B 10 18.03 6.66 14.72
C ARG B 10 16.74 6.26 15.46
N ALA B 11 15.76 5.74 14.74
CA ALA B 11 14.55 5.36 15.42
C ALA B 11 14.62 3.92 15.85
N PRO B 12 14.03 3.65 17.00
CA PRO B 12 13.98 2.27 17.48
C PRO B 12 13.15 1.45 16.47
N PRO B 13 13.41 0.15 16.35
CA PRO B 13 12.66 -0.61 15.36
C PRO B 13 11.30 -1.03 15.87
N VAL B 14 10.39 -1.35 14.94
CA VAL B 14 9.05 -1.79 15.30
C VAL B 14 9.19 -3.05 16.15
N ALA B 15 8.72 -2.98 17.39
CA ALA B 15 8.82 -4.05 18.34
C ALA B 15 8.51 -5.48 17.87
N VAL B 16 7.27 -5.77 17.45
CA VAL B 16 6.92 -7.14 17.03
C VAL B 16 7.83 -7.75 15.99
N PHE B 17 8.19 -6.94 15.00
CA PHE B 17 9.02 -7.36 13.91
C PHE B 17 10.48 -7.55 14.38
N LYS B 18 10.90 -6.65 15.27
CA LYS B 18 12.23 -6.70 15.83
C LYS B 18 12.42 -8.04 16.56
N LEU B 19 11.39 -8.38 17.35
CA LEU B 19 11.32 -9.60 18.12
C LEU B 19 11.51 -10.85 17.24
N THR B 20 10.93 -10.85 16.04
CA THR B 20 11.10 -11.99 15.13
C THR B 20 12.51 -12.06 14.54
N ALA B 21 13.11 -10.87 14.32
CA ALA B 21 14.44 -10.77 13.77
C ALA B 21 15.47 -11.35 14.73
N ASP B 22 15.34 -10.93 16.00
CA ASP B 22 16.20 -11.38 17.08
C ASP B 22 16.11 -12.89 17.20
N PHE B 23 14.87 -13.37 17.24
CA PHE B 23 14.62 -14.79 17.34
C PHE B 23 15.39 -15.56 16.27
N ARG B 24 15.17 -15.15 15.03
CA ARG B 24 15.83 -15.81 13.93
C ARG B 24 17.32 -15.81 14.09
N GLU B 25 17.87 -14.69 14.57
CA GLU B 25 19.30 -14.54 14.78
C GLU B 25 19.86 -15.35 15.95
N ASP B 26 19.01 -15.63 16.96
CA ASP B 26 19.40 -16.39 18.15
C ASP B 26 19.84 -17.81 17.85
N GLY B 27 20.79 -18.33 18.65
CA GLY B 27 21.32 -19.67 18.43
C GLY B 27 20.84 -20.75 19.37
N ASP B 28 20.45 -20.36 20.59
CA ASP B 28 19.97 -21.34 21.57
C ASP B 28 18.93 -22.29 20.99
N SER B 29 19.08 -23.58 21.31
CA SER B 29 18.21 -24.59 20.78
C SER B 29 16.85 -24.70 21.46
N ARG B 30 16.64 -23.96 22.55
CA ARG B 30 15.36 -24.00 23.25
C ARG B 30 14.39 -22.92 22.73
N LYS B 31 14.86 -22.20 21.68
CA LYS B 31 14.16 -21.11 21.01
C LYS B 31 12.65 -21.31 20.76
N VAL B 32 11.86 -20.38 21.30
CA VAL B 32 10.40 -20.35 21.21
C VAL B 32 9.92 -18.97 20.77
N ASN B 33 9.32 -18.88 19.58
CA ASN B 33 8.81 -17.61 19.10
C ASN B 33 7.34 -17.47 19.43
N LEU B 34 7.08 -16.74 20.54
CA LEU B 34 5.76 -16.45 21.07
C LEU B 34 5.39 -14.99 20.86
N GLY B 35 5.99 -14.36 19.83
CA GLY B 35 5.80 -12.93 19.48
C GLY B 35 4.64 -12.62 18.53
N VAL B 36 4.99 -12.32 17.28
CA VAL B 36 4.04 -11.97 16.22
C VAL B 36 2.86 -12.87 16.19
N GLY B 37 1.72 -12.26 15.95
CA GLY B 37 0.46 -12.94 15.84
C GLY B 37 0.34 -13.65 14.51
N ALA B 38 1.11 -14.71 14.37
CA ALA B 38 1.03 -15.51 13.17
C ALA B 38 0.83 -16.97 13.58
N TYR B 39 -0.01 -17.66 12.82
CA TYR B 39 -0.31 -19.05 13.09
C TYR B 39 0.87 -19.96 12.79
N ARG B 40 0.98 -21.01 13.59
CA ARG B 40 1.98 -22.04 13.39
C ARG B 40 1.35 -23.40 13.63
N THR B 41 1.81 -24.41 12.90
CA THR B 41 1.31 -25.77 13.09
C THR B 41 1.90 -26.38 14.37
N ASP B 42 1.52 -27.62 14.69
CA ASP B 42 2.05 -28.26 15.89
C ASP B 42 3.54 -28.54 15.76
N GLU B 43 4.04 -28.57 14.54
CA GLU B 43 5.46 -28.76 14.29
C GLU B 43 6.21 -27.45 14.31
N GLY B 44 5.51 -26.36 14.69
CA GLY B 44 6.08 -25.03 14.79
C GLY B 44 6.43 -24.38 13.45
N GLN B 45 5.76 -24.76 12.39
CA GLN B 45 6.01 -24.18 11.07
C GLN B 45 4.86 -23.32 10.57
N PRO B 46 5.14 -22.38 9.64
CA PRO B 46 4.08 -21.56 9.07
C PRO B 46 3.13 -22.48 8.33
N TRP B 47 1.88 -22.08 8.17
CA TRP B 47 0.94 -22.94 7.48
C TRP B 47 0.30 -22.20 6.31
N VAL B 48 0.55 -22.66 5.10
CA VAL B 48 -0.15 -22.06 3.98
C VAL B 48 -1.46 -22.87 3.90
N LEU B 49 -2.63 -22.23 4.02
CA LEU B 49 -3.86 -23.01 3.97
C LEU B 49 -4.00 -23.83 2.69
N PRO B 50 -4.55 -25.02 2.84
CA PRO B 50 -4.77 -25.87 1.70
C PRO B 50 -5.61 -25.18 0.63
N VAL B 51 -6.65 -24.47 1.02
CA VAL B 51 -7.48 -23.82 0.02
C VAL B 51 -6.69 -22.75 -0.73
N VAL B 52 -5.77 -22.09 -0.02
CA VAL B 52 -4.97 -21.04 -0.65
C VAL B 52 -4.06 -21.65 -1.72
N ARG B 53 -3.51 -22.80 -1.35
CA ARG B 53 -2.63 -23.60 -2.19
C ARG B 53 -3.39 -23.98 -3.47
N LYS B 54 -4.61 -24.44 -3.31
CA LYS B 54 -5.44 -24.81 -4.47
C LYS B 54 -5.70 -23.62 -5.40
N VAL B 55 -6.09 -22.47 -4.80
CA VAL B 55 -6.43 -21.29 -5.58
C VAL B 55 -5.22 -20.73 -6.29
N GLU B 56 -4.08 -20.79 -5.64
CA GLU B 56 -2.84 -20.33 -6.24
C GLU B 56 -2.57 -21.11 -7.54
N GLN B 57 -2.84 -22.41 -7.51
CA GLN B 57 -2.65 -23.23 -8.71
C GLN B 57 -3.65 -22.83 -9.78
N LEU B 58 -4.89 -22.62 -9.35
CA LEU B 58 -5.96 -22.19 -10.20
C LEU B 58 -5.55 -20.91 -10.92
N ILE B 59 -5.10 -19.93 -10.16
CA ILE B 59 -4.68 -18.65 -10.75
C ILE B 59 -3.57 -18.84 -11.78
N ALA B 60 -2.51 -19.53 -11.39
CA ALA B 60 -1.37 -19.76 -12.24
C ALA B 60 -1.72 -20.45 -13.55
N GLY B 61 -2.81 -21.20 -13.58
CA GLY B 61 -3.13 -21.87 -14.80
C GLY B 61 -4.08 -21.09 -15.67
N ASP B 62 -4.64 -20.02 -15.13
CA ASP B 62 -5.59 -19.19 -15.86
C ASP B 62 -4.87 -18.23 -16.82
N GLY B 63 -4.79 -18.60 -18.10
CA GLY B 63 -4.09 -17.78 -19.07
C GLY B 63 -4.84 -16.54 -19.52
N SER B 64 -6.08 -16.39 -19.10
CA SER B 64 -6.81 -15.22 -19.53
C SER B 64 -6.48 -13.99 -18.66
N LEU B 65 -5.94 -14.24 -17.47
CA LEU B 65 -5.61 -13.14 -16.57
C LEU B 65 -4.52 -12.21 -17.13
N ASN B 66 -4.60 -10.93 -16.78
CA ASN B 66 -3.56 -9.99 -17.20
C ASN B 66 -3.11 -9.20 -15.99
N HIS B 67 -2.21 -8.26 -16.17
CA HIS B 67 -1.73 -7.50 -15.03
C HIS B 67 -2.09 -6.03 -15.12
N GLU B 68 -3.14 -5.70 -15.88
CA GLU B 68 -3.56 -4.30 -16.01
C GLU B 68 -4.05 -3.74 -14.68
N TYR B 69 -3.88 -2.44 -14.48
CA TYR B 69 -4.31 -1.80 -13.23
C TYR B 69 -5.72 -2.15 -12.82
N LEU B 70 -5.90 -2.36 -11.52
CA LEU B 70 -7.23 -2.61 -10.93
C LEU B 70 -7.84 -1.21 -10.69
N PRO B 71 -9.15 -1.10 -10.53
CA PRO B 71 -9.72 0.20 -10.25
C PRO B 71 -9.16 0.67 -8.92
N ILE B 72 -9.08 1.98 -8.70
CA ILE B 72 -8.55 2.54 -7.46
C ILE B 72 -9.12 1.93 -6.19
N LEU B 73 -10.45 1.80 -6.14
CA LEU B 73 -11.12 1.24 -4.96
C LEU B 73 -10.93 -0.27 -4.76
N GLY B 74 -10.40 -0.98 -5.76
CA GLY B 74 -10.19 -2.40 -5.61
C GLY B 74 -10.94 -3.26 -6.63
N LEU B 75 -10.64 -4.56 -6.56
CA LEU B 75 -11.22 -5.60 -7.39
C LEU B 75 -12.67 -5.72 -6.97
N PRO B 76 -13.60 -5.46 -7.89
CA PRO B 76 -15.01 -5.48 -7.59
C PRO B 76 -15.51 -6.71 -6.90
N GLU B 77 -15.14 -7.87 -7.42
CA GLU B 77 -15.57 -9.14 -6.83
C GLU B 77 -15.05 -9.34 -5.42
N PHE B 78 -13.88 -8.79 -5.13
CA PHE B 78 -13.31 -8.89 -3.79
C PHE B 78 -14.07 -8.00 -2.83
N ARG B 79 -14.30 -6.75 -3.27
CA ARG B 79 -14.99 -5.76 -2.49
C ARG B 79 -16.34 -6.23 -1.95
N ALA B 80 -17.19 -6.61 -2.90
CA ALA B 80 -18.53 -7.11 -2.61
C ALA B 80 -18.51 -8.28 -1.64
N ASN B 81 -17.76 -9.30 -2.00
CA ASN B 81 -17.67 -10.51 -1.18
C ASN B 81 -17.10 -10.33 0.20
N ALA B 82 -16.06 -9.50 0.32
CA ALA B 82 -15.45 -9.28 1.62
C ALA B 82 -16.46 -8.71 2.59
N SER B 83 -17.22 -7.71 2.15
CA SER B 83 -18.21 -7.08 3.03
C SER B 83 -19.29 -8.05 3.41
N ARG B 84 -19.63 -8.91 2.48
CA ARG B 84 -20.66 -9.92 2.70
C ARG B 84 -20.30 -10.83 3.86
N ILE B 85 -19.02 -11.18 3.90
CA ILE B 85 -18.47 -12.01 4.93
C ILE B 85 -18.51 -11.34 6.28
N ALA B 86 -18.26 -10.03 6.34
CA ALA B 86 -18.31 -9.34 7.63
C ALA B 86 -19.73 -9.10 8.15
N LEU B 87 -20.62 -8.66 7.25
CA LEU B 87 -21.99 -8.28 7.61
C LEU B 87 -23.04 -9.36 7.50
N GLY B 88 -22.73 -10.42 6.78
CA GLY B 88 -23.69 -11.52 6.61
C GLY B 88 -24.47 -11.41 5.30
N ASP B 89 -24.76 -12.56 4.71
CA ASP B 89 -25.50 -12.55 3.44
C ASP B 89 -26.84 -11.82 3.50
N ASP B 90 -27.55 -12.01 4.62
CA ASP B 90 -28.87 -11.42 4.81
C ASP B 90 -28.85 -10.05 5.41
N SER B 91 -27.68 -9.39 5.37
CA SER B 91 -27.59 -8.03 5.94
C SER B 91 -28.56 -7.10 5.26
N PRO B 92 -29.38 -6.39 6.01
CA PRO B 92 -30.31 -5.47 5.42
C PRO B 92 -29.54 -4.29 4.87
N ALA B 93 -28.35 -4.04 5.45
CA ALA B 93 -27.55 -2.92 4.97
C ALA B 93 -27.09 -3.17 3.53
N ILE B 94 -26.75 -4.42 3.25
CA ILE B 94 -26.34 -4.83 1.91
C ILE B 94 -27.55 -4.76 0.99
N ALA B 95 -28.68 -5.26 1.46
CA ALA B 95 -29.88 -5.23 0.65
C ALA B 95 -30.32 -3.82 0.31
N GLN B 96 -30.15 -2.90 1.26
CA GLN B 96 -30.55 -1.52 1.07
C GLN B 96 -29.50 -0.73 0.28
N LYS B 97 -28.47 -1.44 -0.17
CA LYS B 97 -27.39 -0.87 -0.94
C LYS B 97 -26.69 0.27 -0.21
N ARG B 98 -26.58 0.16 1.12
CA ARG B 98 -25.96 1.20 1.91
C ARG B 98 -24.65 0.76 2.54
N VAL B 99 -23.97 -0.14 1.84
CA VAL B 99 -22.68 -0.62 2.27
C VAL B 99 -21.72 -0.36 1.15
N GLY B 100 -20.56 0.20 1.47
CA GLY B 100 -19.53 0.47 0.46
C GLY B 100 -18.23 -0.17 0.89
N SER B 101 -17.39 -0.60 -0.07
CA SER B 101 -16.12 -1.25 0.31
C SER B 101 -14.94 -0.72 -0.43
N VAL B 102 -13.83 -0.59 0.28
CA VAL B 102 -12.59 -0.13 -0.28
C VAL B 102 -11.49 -1.13 0.01
N GLN B 103 -10.89 -1.63 -1.04
CA GLN B 103 -9.81 -2.58 -0.86
C GLN B 103 -8.64 -1.89 -0.16
N GLY B 104 -8.07 -2.53 0.85
CA GLY B 104 -6.95 -1.90 1.53
C GLY B 104 -5.74 -2.81 1.63
N LEU B 105 -4.59 -2.20 1.95
CA LEU B 105 -3.35 -2.92 2.10
C LEU B 105 -3.33 -3.55 3.48
N GLY B 106 -3.95 -4.73 3.60
CA GLY B 106 -4.04 -5.38 4.89
C GLY B 106 -5.06 -4.61 5.74
N GLY B 107 -5.25 -5.02 7.00
CA GLY B 107 -6.13 -4.29 7.89
C GLY B 107 -5.54 -2.90 8.19
N THR B 108 -4.19 -2.81 8.24
CA THR B 108 -3.52 -1.54 8.49
C THR B 108 -3.90 -0.49 7.46
N GLY B 109 -3.83 -0.87 6.18
CA GLY B 109 -4.16 0.02 5.08
C GLY B 109 -5.60 0.47 5.17
N ALA B 110 -6.48 -0.47 5.48
CA ALA B 110 -7.91 -0.14 5.64
C ALA B 110 -8.11 0.92 6.76
N LEU B 111 -7.45 0.72 7.91
CA LEU B 111 -7.54 1.64 9.03
C LEU B 111 -7.02 3.00 8.61
N ARG B 112 -5.87 3.01 7.93
CA ARG B 112 -5.28 4.26 7.51
C ARG B 112 -6.21 5.10 6.62
N ILE B 113 -6.80 4.47 5.59
CA ILE B 113 -7.70 5.13 4.66
C ILE B 113 -8.91 5.67 5.42
N GLY B 114 -9.42 4.86 6.34
CA GLY B 114 -10.56 5.32 7.14
C GLY B 114 -10.20 6.55 7.98
N ALA B 115 -9.04 6.49 8.67
CA ALA B 115 -8.55 7.61 9.50
C ALA B 115 -8.39 8.89 8.69
N GLU B 116 -7.74 8.78 7.51
CA GLU B 116 -7.55 9.92 6.61
C GLU B 116 -8.87 10.53 6.20
N PHE B 117 -9.87 9.67 5.90
CA PHE B 117 -11.20 10.17 5.55
C PHE B 117 -11.82 10.96 6.71
N LEU B 118 -11.85 10.32 7.90
CA LEU B 118 -12.46 10.96 9.03
C LEU B 118 -11.86 12.33 9.32
N ARG B 119 -10.54 12.41 9.29
CA ARG B 119 -9.88 13.66 9.58
C ARG B 119 -10.28 14.80 8.67
N ARG B 120 -10.59 14.49 7.42
CA ARG B 120 -10.94 15.54 6.50
C ARG B 120 -12.44 15.90 6.49
N TRP B 121 -13.31 14.90 6.69
CA TRP B 121 -14.74 15.11 6.50
C TRP B 121 -15.72 14.79 7.62
N TYR B 122 -15.28 14.30 8.74
CA TYR B 122 -16.21 13.93 9.77
C TYR B 122 -16.19 14.94 10.91
N ASN B 123 -17.37 15.26 11.48
CA ASN B 123 -17.41 16.19 12.61
C ASN B 123 -16.82 17.55 12.28
N GLY B 124 -17.09 18.02 11.06
CA GLY B 124 -16.62 19.30 10.58
C GLY B 124 -15.72 19.06 9.40
N ASN B 125 -14.91 20.05 9.08
CA ASN B 125 -13.99 19.94 7.97
C ASN B 125 -12.59 20.10 8.48
N ASN B 126 -11.78 19.07 8.25
CA ASN B 126 -10.43 19.06 8.72
C ASN B 126 -10.32 19.29 10.20
N ASN B 127 -11.25 18.69 10.93
CA ASN B 127 -11.27 18.80 12.36
C ASN B 127 -10.39 17.75 13.00
N THR B 128 -9.15 18.16 13.30
CA THR B 128 -8.15 17.30 13.92
C THR B 128 -8.29 17.23 15.42
N ALA B 129 -9.28 17.89 15.98
CA ALA B 129 -9.48 17.89 17.42
C ALA B 129 -10.45 16.82 17.92
N THR B 130 -11.12 16.13 16.99
CA THR B 130 -12.04 15.08 17.39
C THR B 130 -11.29 14.01 18.18
N PRO B 131 -11.69 13.76 19.40
CA PRO B 131 -10.97 12.78 20.16
C PRO B 131 -11.12 11.37 19.58
N VAL B 132 -10.02 10.62 19.63
CA VAL B 132 -9.94 9.24 19.17
C VAL B 132 -9.60 8.34 20.38
N TYR B 133 -10.51 7.41 20.72
CA TYR B 133 -10.28 6.55 21.87
C TYR B 133 -9.83 5.13 21.46
N VAL B 134 -8.78 4.64 22.12
CA VAL B 134 -8.26 3.30 21.96
C VAL B 134 -8.39 2.56 23.30
N SER B 135 -8.51 1.24 23.25
CA SER B 135 -8.63 0.50 24.51
C SER B 135 -7.31 0.48 25.32
N SER B 136 -7.44 0.24 26.62
CA SER B 136 -6.30 0.13 27.48
C SER B 136 -6.19 -1.32 27.97
N PRO B 137 -5.28 -2.12 27.39
CA PRO B 137 -4.34 -1.77 26.35
C PRO B 137 -4.91 -2.07 24.96
N THR B 138 -4.10 -1.82 23.93
CA THR B 138 -4.49 -2.09 22.52
C THR B 138 -3.28 -2.42 21.65
N TRP B 139 -3.56 -2.71 20.38
CA TRP B 139 -2.54 -2.96 19.36
C TRP B 139 -1.84 -1.61 19.13
N GLU B 140 -0.55 -1.60 19.36
CA GLU B 140 0.28 -0.39 19.33
C GLU B 140 0.09 0.52 18.14
N ASN B 141 -0.07 -0.11 16.99
CA ASN B 141 -0.25 0.65 15.77
C ASN B 141 -1.55 1.46 15.71
N HIS B 142 -2.52 1.20 16.61
CA HIS B 142 -3.74 2.01 16.55
C HIS B 142 -3.41 3.47 16.78
N ASN B 143 -2.69 3.77 17.86
CA ASN B 143 -2.33 5.15 18.17
C ASN B 143 -1.63 5.84 17.03
N SER B 144 -0.57 5.15 16.55
CA SER B 144 0.34 5.57 15.47
C SER B 144 -0.37 5.89 14.16
N VAL B 145 -1.30 5.04 13.77
CA VAL B 145 -2.03 5.25 12.54
C VAL B 145 -2.87 6.53 12.59
N PHE B 146 -3.59 6.74 13.68
CA PHE B 146 -4.46 7.91 13.86
C PHE B 146 -3.67 9.20 14.02
N MET B 147 -2.53 9.11 14.70
CA MET B 147 -1.67 10.25 14.85
C MET B 147 -1.12 10.67 13.50
N ASP B 148 -0.67 9.65 12.72
CA ASP B 148 -0.16 9.89 11.37
C ASP B 148 -1.22 10.48 10.45
N ALA B 149 -2.47 10.13 10.69
CA ALA B 149 -3.56 10.67 9.88
C ALA B 149 -3.85 12.13 10.22
N GLY B 150 -3.31 12.63 11.33
CA GLY B 150 -3.52 14.02 11.69
C GLY B 150 -4.28 14.28 12.98
N PHE B 151 -4.81 13.26 13.64
CA PHE B 151 -5.55 13.48 14.88
C PHE B 151 -4.63 13.84 16.06
N LYS B 152 -4.95 14.88 16.82
CA LYS B 152 -4.09 15.27 17.94
C LYS B 152 -4.51 14.81 19.31
N ASP B 153 -5.73 14.33 19.47
CA ASP B 153 -6.20 13.95 20.79
C ASP B 153 -6.58 12.48 20.87
N ILE B 154 -5.60 11.66 21.28
CA ILE B 154 -5.79 10.23 21.42
C ILE B 154 -5.94 9.92 22.88
N ARG B 155 -7.04 9.29 23.23
CA ARG B 155 -7.35 8.96 24.59
C ARG B 155 -7.54 7.47 24.75
N THR B 156 -7.70 7.01 25.98
CA THR B 156 -7.93 5.60 26.17
C THR B 156 -9.23 5.36 26.94
N TYR B 157 -9.84 4.21 26.74
CA TYR B 157 -10.99 3.82 27.52
C TYR B 157 -10.55 2.63 28.34
N ARG B 158 -10.97 2.53 29.59
CA ARG B 158 -10.58 1.38 30.39
C ARG B 158 -11.03 0.11 29.71
N TYR B 159 -10.24 -0.94 29.86
CA TYR B 159 -10.57 -2.19 29.23
C TYR B 159 -10.18 -3.40 30.07
N TRP B 160 -8.89 -3.57 30.26
CA TRP B 160 -8.40 -4.68 31.03
C TRP B 160 -8.33 -4.35 32.52
N ASP B 161 -8.76 -5.32 33.30
CA ASP B 161 -8.73 -5.27 34.73
C ASP B 161 -7.66 -6.26 35.20
N ALA B 162 -6.52 -5.73 35.59
CA ALA B 162 -5.43 -6.56 36.06
C ALA B 162 -5.75 -7.40 37.28
N ALA B 163 -6.59 -6.86 38.17
CA ALA B 163 -6.96 -7.58 39.38
C ALA B 163 -7.91 -8.72 39.09
N LYS B 164 -8.95 -8.46 38.29
CA LYS B 164 -9.88 -9.50 37.98
C LYS B 164 -9.45 -10.38 36.81
N ARG B 165 -8.47 -9.92 36.04
CA ARG B 165 -8.00 -10.67 34.87
C ARG B 165 -9.12 -10.84 33.87
N GLY B 166 -9.78 -9.74 33.56
CA GLY B 166 -10.89 -9.73 32.64
C GLY B 166 -11.25 -8.29 32.30
N LEU B 167 -12.40 -8.12 31.65
CA LEU B 167 -12.94 -6.86 31.19
C LEU B 167 -13.43 -5.95 32.32
N ASP B 168 -12.99 -4.72 32.31
CA ASP B 168 -13.47 -3.75 33.28
C ASP B 168 -14.66 -3.00 32.66
N LEU B 169 -15.81 -3.66 32.59
CA LEU B 169 -17.03 -3.11 31.99
C LEU B 169 -17.41 -1.75 32.59
N GLN B 170 -17.41 -1.67 33.92
CA GLN B 170 -17.82 -0.42 34.52
C GLN B 170 -16.91 0.75 34.13
N GLY B 171 -15.60 0.51 34.10
CA GLY B 171 -14.69 1.57 33.76
C GLY B 171 -14.86 2.00 32.33
N LEU B 172 -15.06 1.00 31.47
CA LEU B 172 -15.23 1.22 30.04
C LEU B 172 -16.45 2.08 29.77
N LEU B 173 -17.56 1.69 30.40
CA LEU B 173 -18.80 2.42 30.21
C LEU B 173 -18.68 3.85 30.71
N ASP B 174 -18.04 3.98 31.87
CA ASP B 174 -17.85 5.28 32.49
C ASP B 174 -17.08 6.21 31.56
N ASP B 175 -16.04 5.63 30.91
CA ASP B 175 -15.20 6.36 29.96
C ASP B 175 -15.99 6.82 28.75
N MET B 176 -16.94 5.99 28.34
CA MET B 176 -17.78 6.35 27.25
C MET B 176 -18.78 7.43 27.67
N GLU B 177 -19.31 7.29 28.90
CA GLU B 177 -20.27 8.27 29.40
C GLU B 177 -19.66 9.67 29.41
N LYS B 178 -18.39 9.74 29.79
CA LYS B 178 -17.67 10.99 29.90
C LYS B 178 -17.01 11.49 28.60
N ALA B 179 -17.09 10.68 27.54
CA ALA B 179 -16.52 11.06 26.26
C ALA B 179 -17.40 12.07 25.54
N PRO B 180 -16.78 13.09 24.95
CA PRO B 180 -17.52 14.11 24.23
C PRO B 180 -18.25 13.51 23.06
N GLU B 181 -19.40 14.07 22.77
CA GLU B 181 -20.20 13.58 21.66
C GLU B 181 -19.40 13.58 20.36
N PHE B 182 -19.65 12.57 19.53
CA PHE B 182 -18.96 12.46 18.24
C PHE B 182 -17.52 11.90 18.31
N SER B 183 -17.04 11.58 19.49
CA SER B 183 -15.73 11.00 19.62
C SER B 183 -15.67 9.68 18.82
N ILE B 184 -14.46 9.33 18.32
CA ILE B 184 -14.22 8.14 17.54
C ILE B 184 -13.72 7.05 18.45
N PHE B 185 -14.32 5.86 18.39
CA PHE B 185 -13.87 4.77 19.24
C PHE B 185 -13.34 3.61 18.41
N ILE B 186 -12.08 3.20 18.66
CA ILE B 186 -11.52 2.07 17.94
C ILE B 186 -11.87 0.83 18.73
N LEU B 187 -12.72 0.00 18.12
CA LEU B 187 -13.22 -1.19 18.77
C LEU B 187 -12.72 -2.46 18.11
N HIS B 188 -12.29 -3.42 18.90
CA HIS B 188 -11.87 -4.70 18.36
C HIS B 188 -13.12 -5.58 18.23
N ALA B 189 -13.39 -6.02 17.02
CA ALA B 189 -14.56 -6.83 16.69
C ALA B 189 -14.68 -8.10 17.50
N CYS B 190 -13.55 -8.76 17.68
CA CYS B 190 -13.46 -9.99 18.44
C CYS B 190 -11.97 -10.32 18.64
N ALA B 191 -11.66 -11.22 19.55
CA ALA B 191 -10.28 -11.62 19.82
C ALA B 191 -9.41 -10.42 20.08
N HIS B 192 -9.77 -9.62 21.06
CA HIS B 192 -9.07 -8.41 21.42
C HIS B 192 -7.55 -8.59 21.45
N ASN B 193 -6.82 -7.69 20.81
CA ASN B 193 -5.36 -7.78 20.77
C ASN B 193 -4.84 -6.61 21.54
N PRO B 194 -4.11 -6.85 22.64
CA PRO B 194 -3.56 -8.14 23.02
C PRO B 194 -4.15 -8.96 24.17
N THR B 195 -5.26 -8.59 24.78
CA THR B 195 -5.72 -9.35 25.95
C THR B 195 -6.46 -10.66 25.73
N GLY B 196 -7.05 -10.84 24.56
CA GLY B 196 -7.84 -12.02 24.30
C GLY B 196 -9.17 -11.95 25.06
N THR B 197 -9.46 -10.81 25.68
CA THR B 197 -10.72 -10.69 26.43
C THR B 197 -11.72 -9.84 25.65
N ASP B 198 -12.88 -10.41 25.37
CA ASP B 198 -13.90 -9.72 24.61
C ASP B 198 -15.16 -9.58 25.45
N PRO B 199 -15.98 -8.55 25.14
CA PRO B 199 -17.26 -8.43 25.84
C PRO B 199 -18.17 -9.56 25.34
N THR B 200 -19.08 -10.00 26.19
CA THR B 200 -20.06 -11.00 25.77
C THR B 200 -21.12 -10.20 24.99
N PRO B 201 -22.07 -10.86 24.32
CA PRO B 201 -23.07 -10.11 23.60
C PRO B 201 -23.88 -9.17 24.47
N ASP B 202 -24.21 -9.58 25.70
CA ASP B 202 -24.97 -8.66 26.52
C ASP B 202 -24.16 -7.44 26.90
N GLU B 203 -22.84 -7.61 27.10
CA GLU B 203 -21.98 -6.48 27.45
C GLU B 203 -21.89 -5.55 26.26
N TRP B 204 -21.86 -6.14 25.05
CA TRP B 204 -21.83 -5.39 23.81
C TRP B 204 -23.13 -4.53 23.66
N LYS B 205 -24.28 -5.07 24.08
CA LYS B 205 -25.54 -4.34 23.99
C LYS B 205 -25.51 -3.07 24.87
N GLN B 206 -24.85 -3.22 26.02
CA GLN B 206 -24.69 -2.14 26.96
C GLN B 206 -23.76 -1.09 26.36
N ILE B 207 -22.69 -1.55 25.71
CA ILE B 207 -21.74 -0.63 25.10
C ILE B 207 -22.41 0.17 24.00
N ALA B 208 -23.19 -0.54 23.18
CA ALA B 208 -23.90 0.06 22.09
C ALA B 208 -24.94 1.10 22.52
N ALA B 209 -25.61 0.85 23.64
CA ALA B 209 -26.62 1.78 24.14
C ALA B 209 -26.00 3.14 24.47
N VAL B 210 -24.86 3.11 25.15
CA VAL B 210 -24.22 4.36 25.45
C VAL B 210 -23.71 5.06 24.19
N MET B 211 -23.11 4.29 23.25
CA MET B 211 -22.61 4.87 22.00
C MET B 211 -23.70 5.53 21.19
N LYS B 212 -24.86 4.87 21.17
CA LYS B 212 -26.01 5.39 20.45
C LYS B 212 -26.46 6.74 21.02
N ARG B 213 -26.66 6.78 22.35
CA ARG B 213 -27.11 7.97 23.04
C ARG B 213 -26.08 9.11 22.93
N ARG B 214 -24.79 8.79 23.00
CA ARG B 214 -23.80 9.85 22.91
C ARG B 214 -23.24 10.13 21.52
N CYS B 215 -23.83 9.50 20.51
CA CYS B 215 -23.38 9.68 19.14
C CYS B 215 -21.89 9.37 18.96
N LEU B 216 -21.43 8.32 19.59
CA LEU B 216 -20.04 7.93 19.45
C LEU B 216 -19.86 7.13 18.16
N PHE B 217 -18.73 7.33 17.48
CA PHE B 217 -18.53 6.67 16.22
C PHE B 217 -17.82 5.33 16.36
N PRO B 218 -18.44 4.26 15.86
CA PRO B 218 -17.81 2.96 15.99
C PRO B 218 -16.90 2.66 14.79
N PHE B 219 -15.61 2.51 15.06
CA PHE B 219 -14.63 2.17 14.05
C PHE B 219 -14.13 0.78 14.40
N PHE B 220 -14.74 -0.23 13.77
CA PHE B 220 -14.36 -1.59 14.08
C PHE B 220 -13.06 -2.04 13.37
N ASP B 221 -12.23 -2.73 14.12
CA ASP B 221 -10.99 -3.32 13.65
C ASP B 221 -11.25 -4.82 13.72
N SER B 222 -11.44 -5.43 12.57
CA SER B 222 -11.75 -6.85 12.47
C SER B 222 -10.64 -7.64 11.83
N ALA B 223 -9.65 -8.00 12.62
CA ALA B 223 -8.49 -8.75 12.09
C ALA B 223 -8.56 -10.26 12.32
N TYR B 224 -9.53 -10.73 13.11
CA TYR B 224 -9.63 -12.12 13.44
C TYR B 224 -10.96 -12.80 13.24
N GLN B 225 -11.75 -12.36 12.30
CA GLN B 225 -12.99 -13.01 12.09
C GLN B 225 -12.78 -14.47 11.71
N GLY B 226 -13.27 -15.36 12.57
CA GLY B 226 -13.17 -16.78 12.36
C GLY B 226 -12.21 -17.42 13.33
N PHE B 227 -11.37 -16.60 14.00
CA PHE B 227 -10.34 -17.02 14.95
C PHE B 227 -10.82 -17.01 16.40
N ALA B 228 -11.71 -16.09 16.75
CA ALA B 228 -12.18 -16.07 18.11
C ALA B 228 -12.92 -17.36 18.47
N SER B 229 -13.53 -18.00 17.47
CA SER B 229 -14.28 -19.17 17.82
C SER B 229 -14.28 -20.27 16.78
N GLY B 230 -13.81 -19.99 15.58
CA GLY B 230 -13.85 -20.99 14.52
C GLY B 230 -15.08 -20.82 13.67
N SER B 231 -15.93 -19.88 14.05
CA SER B 231 -17.12 -19.62 13.29
C SER B 231 -17.11 -18.18 12.78
N LEU B 232 -17.17 -18.00 11.45
CA LEU B 232 -17.17 -16.64 10.90
C LEU B 232 -18.41 -15.81 11.34
N ASP B 233 -19.58 -16.48 11.46
CA ASP B 233 -20.81 -15.81 11.88
C ASP B 233 -20.80 -15.42 13.34
N LYS B 234 -20.32 -16.31 14.22
CA LYS B 234 -20.26 -15.99 15.64
C LYS B 234 -19.38 -14.78 15.88
N ASP B 235 -18.19 -14.84 15.30
CA ASP B 235 -17.23 -13.79 15.44
C ASP B 235 -17.66 -12.43 14.93
N ALA B 236 -18.58 -12.38 13.99
CA ALA B 236 -19.05 -11.11 13.43
C ALA B 236 -20.30 -10.55 14.13
N TRP B 237 -20.78 -11.22 15.17
CA TRP B 237 -21.99 -10.80 15.87
C TRP B 237 -22.03 -9.33 16.26
N ALA B 238 -21.06 -8.86 17.01
CA ALA B 238 -21.07 -7.45 17.45
C ALA B 238 -21.15 -6.44 16.29
N VAL B 239 -20.35 -6.60 15.23
CA VAL B 239 -20.43 -5.67 14.12
C VAL B 239 -21.85 -5.67 13.55
N ARG B 240 -22.40 -6.86 13.35
CA ARG B 240 -23.72 -6.97 12.80
C ARG B 240 -24.80 -6.42 13.72
N TYR B 241 -24.58 -6.48 15.04
CA TYR B 241 -25.56 -5.96 16.00
C TYR B 241 -25.64 -4.44 15.86
N PHE B 242 -24.44 -3.82 15.74
CA PHE B 242 -24.36 -2.39 15.55
C PHE B 242 -25.07 -1.97 14.26
N VAL B 243 -24.87 -2.74 13.19
CA VAL B 243 -25.55 -2.44 11.94
C VAL B 243 -27.07 -2.50 12.14
N SER B 244 -27.54 -3.58 12.80
CA SER B 244 -28.98 -3.74 13.04
C SER B 244 -29.51 -2.63 13.95
N GLU B 245 -28.66 -2.07 14.82
CA GLU B 245 -29.06 -0.98 15.69
C GLU B 245 -29.11 0.36 14.96
N GLY B 246 -28.84 0.36 13.67
CA GLY B 246 -28.94 1.60 12.89
C GLY B 246 -27.70 2.50 12.88
N PHE B 247 -26.59 2.00 13.37
CA PHE B 247 -25.39 2.82 13.39
C PHE B 247 -24.76 2.96 12.01
N GLU B 248 -24.13 4.10 11.81
CA GLU B 248 -23.30 4.37 10.66
C GLU B 248 -21.88 4.02 11.17
N LEU B 249 -21.11 3.22 10.43
CA LEU B 249 -19.84 2.86 11.00
C LEU B 249 -18.84 2.44 9.96
N PHE B 250 -17.61 2.18 10.42
CA PHE B 250 -16.57 1.68 9.56
C PHE B 250 -16.08 0.38 10.15
N CYS B 251 -15.75 -0.60 9.29
CA CYS B 251 -15.19 -1.86 9.73
C CYS B 251 -13.91 -2.17 8.93
N ALA B 252 -12.73 -2.13 9.56
CA ALA B 252 -11.51 -2.43 8.85
C ALA B 252 -11.23 -3.92 8.98
N GLN B 253 -11.34 -4.62 7.85
CA GLN B 253 -11.15 -6.05 7.84
C GLN B 253 -9.77 -6.44 7.37
N SER B 254 -9.22 -7.45 8.02
CA SER B 254 -7.93 -8.00 7.63
C SER B 254 -8.08 -9.47 7.20
N PHE B 255 -7.41 -9.87 6.12
CA PHE B 255 -7.48 -11.28 5.75
C PHE B 255 -6.10 -11.94 5.97
N SER B 256 -5.24 -11.21 6.69
CA SER B 256 -3.88 -11.66 6.95
C SER B 256 -3.83 -12.94 7.76
N LYS B 257 -4.67 -12.98 8.78
CA LYS B 257 -4.70 -14.11 9.69
C LYS B 257 -5.65 -15.25 9.33
N ASN B 258 -6.92 -14.92 8.97
CA ASN B 258 -7.91 -15.95 8.63
C ASN B 258 -7.65 -16.68 7.33
N PHE B 259 -6.88 -16.03 6.44
CA PHE B 259 -6.48 -16.64 5.14
C PHE B 259 -5.01 -17.01 5.16
N GLY B 260 -4.29 -16.56 6.16
CA GLY B 260 -2.85 -16.82 6.24
C GLY B 260 -2.12 -16.10 5.10
N LEU B 261 -2.71 -15.01 4.62
CA LEU B 261 -2.11 -14.24 3.52
C LEU B 261 -1.38 -13.01 3.99
N TYR B 262 -0.69 -13.12 5.13
CA TYR B 262 0.07 -12.03 5.75
C TYR B 262 0.79 -11.16 4.72
N ASN B 263 1.63 -11.80 3.90
CA ASN B 263 2.46 -11.10 2.94
C ASN B 263 1.85 -10.66 1.61
N GLU B 264 0.54 -10.82 1.45
CA GLU B 264 -0.10 -10.37 0.23
C GLU B 264 -0.94 -9.10 0.51
N ARG B 265 -0.99 -8.69 1.78
CA ARG B 265 -1.63 -7.44 2.21
C ARG B 265 -3.04 -7.24 1.68
N VAL B 266 -3.95 -8.10 2.17
CA VAL B 266 -5.35 -8.14 1.79
C VAL B 266 -6.27 -7.65 2.90
N GLY B 267 -6.91 -6.51 2.66
CA GLY B 267 -7.79 -5.91 3.62
C GLY B 267 -8.94 -5.24 2.91
N ASN B 268 -9.95 -4.86 3.71
CA ASN B 268 -11.13 -4.24 3.16
C ASN B 268 -11.73 -3.27 4.17
N LEU B 269 -12.10 -2.09 3.70
CA LEU B 269 -12.72 -1.12 4.58
C LEU B 269 -14.18 -1.09 4.23
N SER B 270 -15.06 -1.54 5.15
CA SER B 270 -16.50 -1.51 4.87
C SER B 270 -17.06 -0.26 5.48
N VAL B 271 -17.86 0.46 4.71
CA VAL B 271 -18.48 1.68 5.18
C VAL B 271 -19.99 1.44 5.21
N VAL B 272 -20.62 1.65 6.37
CA VAL B 272 -22.07 1.50 6.49
C VAL B 272 -22.66 2.88 6.71
N GLY B 273 -23.48 3.32 5.77
CA GLY B 273 -24.10 4.63 5.86
C GLY B 273 -25.64 4.54 5.89
N LYS B 274 -26.29 5.70 6.15
CA LYS B 274 -27.74 5.85 6.22
C LYS B 274 -28.42 5.41 4.95
N ASP B 275 -27.80 5.74 3.82
CA ASP B 275 -28.37 5.38 2.54
C ASP B 275 -27.29 5.28 1.46
N GLU B 276 -27.68 4.87 0.25
CA GLU B 276 -26.74 4.70 -0.84
C GLU B 276 -26.00 6.00 -1.22
N ASP B 277 -26.75 7.09 -1.30
CA ASP B 277 -26.16 8.37 -1.68
C ASP B 277 -24.96 8.74 -0.79
N ASN B 278 -25.15 8.61 0.50
CA ASN B 278 -24.11 8.92 1.44
C ASN B 278 -22.86 8.05 1.25
N VAL B 279 -23.05 6.73 1.12
CA VAL B 279 -21.92 5.81 0.93
C VAL B 279 -21.22 6.10 -0.38
N GLN B 280 -21.99 6.42 -1.42
CA GLN B 280 -21.37 6.78 -2.71
C GLN B 280 -20.48 8.03 -2.61
N ARG B 281 -20.93 9.05 -1.87
CA ARG B 281 -20.14 10.26 -1.71
C ARG B 281 -18.88 9.97 -0.88
N VAL B 282 -19.02 9.17 0.17
CA VAL B 282 -17.88 8.80 0.98
C VAL B 282 -16.84 8.06 0.12
N LEU B 283 -17.28 7.13 -0.69
CA LEU B 283 -16.36 6.36 -1.54
C LEU B 283 -15.64 7.27 -2.54
N SER B 284 -16.34 8.28 -3.08
CA SER B 284 -15.71 9.18 -4.05
C SER B 284 -14.52 9.90 -3.43
N GLN B 285 -14.61 10.19 -2.13
CA GLN B 285 -13.53 10.86 -1.41
C GLN B 285 -12.42 9.86 -1.10
N MET B 286 -12.79 8.63 -0.76
CA MET B 286 -11.83 7.59 -0.50
C MET B 286 -10.95 7.26 -1.72
N GLU B 287 -11.55 7.35 -2.90
CA GLU B 287 -10.84 7.16 -4.13
C GLU B 287 -9.66 8.18 -4.24
N LYS B 288 -9.91 9.45 -3.90
CA LYS B 288 -8.86 10.48 -3.96
C LYS B 288 -7.78 10.24 -2.90
N ILE B 289 -8.18 9.69 -1.75
CA ILE B 289 -7.23 9.38 -0.69
C ILE B 289 -6.32 8.23 -1.10
N VAL B 290 -6.91 7.20 -1.67
CA VAL B 290 -6.14 6.04 -2.09
C VAL B 290 -5.14 6.44 -3.20
N ARG B 291 -5.59 7.30 -4.11
CA ARG B 291 -4.80 7.76 -5.24
C ARG B 291 -3.40 8.28 -4.87
N THR B 292 -3.32 9.04 -3.78
CA THR B 292 -2.06 9.62 -3.33
C THR B 292 -1.27 8.74 -2.35
N THR B 293 -1.83 7.56 -2.02
CA THR B 293 -1.17 6.68 -1.06
C THR B 293 -0.46 5.50 -1.73
N TRP B 294 -1.25 4.67 -2.44
CA TRP B 294 -0.75 3.53 -3.14
C TRP B 294 -1.22 3.49 -4.58
N SER B 295 -2.02 4.50 -4.94
CA SER B 295 -2.61 4.69 -6.28
C SER B 295 -3.77 3.72 -6.56
N ASN B 296 -3.44 2.41 -6.53
CA ASN B 296 -4.39 1.32 -6.77
C ASN B 296 -3.81 0.09 -6.09
N PRO B 297 -4.65 -0.84 -5.64
CA PRO B 297 -4.13 -1.95 -4.85
C PRO B 297 -3.66 -3.14 -5.66
N PRO B 298 -2.88 -4.02 -5.02
CA PRO B 298 -2.35 -5.20 -5.68
C PRO B 298 -3.46 -6.24 -5.88
N SER B 299 -3.26 -7.12 -6.86
CA SER B 299 -4.26 -8.10 -7.21
C SER B 299 -4.20 -9.50 -6.63
N GLN B 300 -3.01 -10.04 -6.47
CA GLN B 300 -2.81 -11.42 -6.03
C GLN B 300 -3.66 -11.90 -4.85
N GLY B 301 -3.45 -11.31 -3.68
CA GLY B 301 -4.15 -11.68 -2.47
C GLY B 301 -5.68 -11.57 -2.61
N ALA B 302 -6.13 -10.43 -3.17
CA ALA B 302 -7.56 -10.16 -3.36
C ALA B 302 -8.21 -11.17 -4.32
N ARG B 303 -7.45 -11.59 -5.33
CA ARG B 303 -7.94 -12.57 -6.28
C ARG B 303 -8.14 -13.92 -5.57
N ILE B 304 -7.16 -14.27 -4.73
CA ILE B 304 -7.25 -15.49 -3.98
C ILE B 304 -8.51 -15.50 -3.12
N VAL B 305 -8.72 -14.42 -2.37
CA VAL B 305 -9.89 -14.31 -1.50
C VAL B 305 -11.20 -14.35 -2.30
N ALA B 306 -11.32 -13.50 -3.32
CA ALA B 306 -12.56 -13.44 -4.11
C ALA B 306 -12.93 -14.79 -4.71
N THR B 307 -11.94 -15.47 -5.27
CA THR B 307 -12.12 -16.78 -5.89
C THR B 307 -12.65 -17.78 -4.87
N THR B 308 -12.09 -17.75 -3.66
CA THR B 308 -12.48 -18.61 -2.55
C THR B 308 -13.93 -18.37 -2.10
N LEU B 309 -14.26 -17.10 -1.91
CA LEU B 309 -15.59 -16.70 -1.46
C LEU B 309 -16.70 -16.94 -2.49
N THR B 310 -16.36 -16.89 -3.77
CA THR B 310 -17.37 -17.07 -4.80
C THR B 310 -17.63 -18.51 -5.21
N SER B 311 -16.88 -19.44 -4.68
CA SER B 311 -17.09 -20.85 -5.02
C SER B 311 -17.55 -21.56 -3.78
N PRO B 312 -18.77 -22.12 -3.78
CA PRO B 312 -19.25 -22.78 -2.58
C PRO B 312 -18.32 -23.86 -2.06
N GLN B 313 -17.73 -24.61 -2.97
CA GLN B 313 -16.81 -25.68 -2.63
C GLN B 313 -15.53 -25.17 -1.97
N LEU B 314 -14.97 -24.09 -2.53
CA LEU B 314 -13.74 -23.49 -1.99
C LEU B 314 -14.05 -22.85 -0.66
N PHE B 315 -15.18 -22.18 -0.62
CA PHE B 315 -15.64 -21.53 0.60
C PHE B 315 -15.78 -22.55 1.73
N ALA B 316 -16.41 -23.69 1.47
CA ALA B 316 -16.53 -24.68 2.52
C ALA B 316 -15.18 -25.18 2.98
N GLU B 317 -14.27 -25.35 2.03
CA GLU B 317 -12.94 -25.79 2.40
C GLU B 317 -12.24 -24.75 3.29
N TRP B 318 -12.39 -23.46 2.95
CA TRP B 318 -11.78 -22.40 3.73
C TRP B 318 -12.29 -22.42 5.16
N LYS B 319 -13.60 -22.55 5.31
CA LYS B 319 -14.20 -22.58 6.66
C LYS B 319 -13.58 -23.71 7.49
N ASP B 320 -13.34 -24.87 6.84
CA ASP B 320 -12.72 -26.01 7.51
C ASP B 320 -11.28 -25.70 7.95
N ASN B 321 -10.55 -25.01 7.04
CA ASN B 321 -9.17 -24.62 7.34
C ASN B 321 -9.14 -23.66 8.51
N VAL B 322 -10.09 -22.73 8.56
CA VAL B 322 -10.13 -21.76 9.64
C VAL B 322 -10.42 -22.43 10.99
N LYS B 323 -11.33 -23.41 10.96
CA LYS B 323 -11.69 -24.17 12.15
C LYS B 323 -10.50 -24.96 12.66
N THR B 324 -9.69 -25.50 11.74
CA THR B 324 -8.53 -26.26 12.13
C THR B 324 -7.61 -25.42 13.00
N MET B 325 -7.39 -24.17 12.55
CA MET B 325 -6.56 -23.25 13.27
C MET B 325 -7.15 -22.88 14.62
N ALA B 326 -8.44 -22.53 14.63
CA ALA B 326 -9.10 -22.15 15.89
C ALA B 326 -9.03 -23.26 16.93
N ASP B 327 -9.32 -24.49 16.48
CA ASP B 327 -9.35 -25.66 17.34
C ASP B 327 -7.99 -25.92 17.94
N ARG B 328 -6.97 -25.71 17.11
CA ARG B 328 -5.66 -25.94 17.59
C ARG B 328 -5.26 -24.94 18.72
N VAL B 329 -5.78 -23.72 18.62
CA VAL B 329 -5.54 -22.74 19.65
C VAL B 329 -6.27 -23.13 20.94
N LEU B 330 -7.54 -23.57 20.81
CA LEU B 330 -8.37 -23.98 21.95
C LEU B 330 -7.65 -25.08 22.69
N LEU B 331 -7.05 -25.98 21.94
CA LEU B 331 -6.32 -27.08 22.51
C LEU B 331 -5.21 -26.53 23.37
N MET B 332 -4.32 -25.73 22.76
CA MET B 332 -3.22 -25.12 23.51
C MET B 332 -3.68 -24.38 24.79
N ARG B 333 -4.81 -23.66 24.75
CA ARG B 333 -5.29 -22.96 25.95
C ARG B 333 -5.65 -23.99 27.03
N SER B 334 -6.50 -24.94 26.64
CA SER B 334 -6.98 -26.03 27.46
C SER B 334 -5.80 -26.63 28.17
N GLU B 335 -4.86 -26.99 27.34
CA GLU B 335 -3.65 -27.58 27.81
C GLU B 335 -2.92 -26.70 28.81
N LEU B 336 -2.55 -25.46 28.40
CA LEU B 336 -1.83 -24.52 29.27
C LEU B 336 -2.41 -24.47 30.66
N ARG B 337 -3.73 -24.29 30.73
CA ARG B 337 -4.43 -24.21 31.98
C ARG B 337 -4.07 -25.41 32.83
N SER B 338 -3.85 -26.52 32.12
CA SER B 338 -3.49 -27.76 32.76
C SER B 338 -2.10 -27.78 33.33
N ARG B 339 -1.06 -27.71 32.50
CA ARG B 339 0.33 -27.68 32.98
C ARG B 339 0.52 -26.68 34.13
N LEU B 340 0.01 -25.46 33.93
CA LEU B 340 0.13 -24.42 34.95
C LEU B 340 -0.55 -24.86 36.24
N GLU B 341 -1.84 -25.20 36.12
CA GLU B 341 -2.64 -25.62 37.23
C GLU B 341 -2.00 -26.83 37.89
N SER B 342 -2.27 -28.00 37.28
CA SER B 342 -1.78 -29.29 37.74
C SER B 342 -0.35 -29.24 38.27
N LEU B 343 0.47 -28.39 37.66
CA LEU B 343 1.85 -28.25 38.04
C LEU B 343 2.17 -27.30 39.18
N GLY B 344 1.17 -27.02 40.01
CA GLY B 344 1.38 -26.15 41.15
C GLY B 344 2.11 -24.85 40.83
N THR B 345 1.35 -23.98 40.17
CA THR B 345 1.74 -22.64 39.77
C THR B 345 0.56 -21.80 40.23
N PRO B 346 0.87 -20.77 41.02
CA PRO B 346 -0.08 -19.90 41.72
C PRO B 346 -0.90 -18.84 41.00
N GLY B 347 -2.21 -18.93 41.15
CA GLY B 347 -3.16 -17.96 40.59
C GLY B 347 -4.46 -18.61 40.14
N THR B 348 -5.25 -17.82 39.42
CA THR B 348 -6.50 -18.27 38.85
C THR B 348 -6.26 -18.25 37.35
N TRP B 349 -6.44 -19.38 36.70
CA TRP B 349 -6.14 -19.39 35.28
C TRP B 349 -7.30 -19.58 34.35
N ASN B 350 -8.53 -19.44 34.86
CA ASN B 350 -9.66 -19.57 33.96
C ASN B 350 -9.73 -18.47 32.86
N HIS B 351 -8.73 -17.56 32.87
CA HIS B 351 -8.64 -16.48 31.89
C HIS B 351 -8.02 -16.99 30.60
N ILE B 352 -7.06 -17.92 30.76
CA ILE B 352 -6.42 -18.54 29.62
C ILE B 352 -7.46 -19.23 28.75
N THR B 353 -8.51 -19.72 29.40
CA THR B 353 -9.56 -20.44 28.74
C THR B 353 -10.74 -19.56 28.39
N ASP B 354 -10.92 -18.48 29.15
CA ASP B 354 -12.01 -17.59 28.83
C ASP B 354 -11.56 -16.64 27.75
N GLN B 355 -10.24 -16.48 27.65
CA GLN B 355 -9.62 -15.64 26.62
C GLN B 355 -9.72 -16.35 25.28
N ILE B 356 -10.04 -15.55 24.26
CA ILE B 356 -10.31 -15.92 22.89
C ILE B 356 -9.28 -15.42 21.86
N GLY B 357 -9.03 -16.22 20.80
CA GLY B 357 -8.11 -15.80 19.74
C GLY B 357 -6.68 -16.25 19.92
N MET B 358 -5.76 -15.56 19.22
CA MET B 358 -4.32 -15.86 19.28
C MET B 358 -3.64 -15.50 20.58
N PHE B 359 -4.05 -14.43 21.24
CA PHE B 359 -3.34 -14.04 22.43
C PHE B 359 -4.01 -14.25 23.78
N SER B 360 -3.10 -14.39 24.76
CA SER B 360 -3.39 -14.52 26.17
C SER B 360 -2.62 -13.44 26.88
N PHE B 361 -3.28 -12.68 27.70
CA PHE B 361 -2.57 -11.69 28.45
C PHE B 361 -2.12 -12.48 29.66
N THR B 362 -0.85 -12.82 29.76
CA THR B 362 -0.38 -13.62 30.88
C THR B 362 -0.51 -12.91 32.22
N GLY B 363 0.52 -12.15 32.54
CA GLY B 363 0.57 -11.40 33.80
C GLY B 363 2.02 -11.06 34.11
N LEU B 364 2.89 -11.74 33.36
CA LEU B 364 4.30 -11.56 33.49
C LEU B 364 4.66 -10.06 33.43
N ASN B 365 5.35 -9.60 34.49
CA ASN B 365 5.79 -8.23 34.53
C ASN B 365 7.03 -8.14 33.67
N PRO B 366 7.49 -6.93 33.46
CA PRO B 366 8.65 -6.70 32.62
C PRO B 366 9.87 -7.58 32.89
N LYS B 367 10.26 -7.70 34.15
CA LYS B 367 11.41 -8.51 34.48
C LYS B 367 11.19 -10.01 34.26
N GLN B 368 9.96 -10.48 34.49
CA GLN B 368 9.67 -11.89 34.24
C GLN B 368 9.77 -12.12 32.73
N VAL B 369 9.28 -11.13 32.01
CA VAL B 369 9.34 -11.15 30.57
C VAL B 369 10.82 -11.17 30.16
N GLU B 370 11.61 -10.25 30.75
CA GLU B 370 13.05 -10.25 30.44
C GLU B 370 13.68 -11.59 30.84
N TYR B 371 13.20 -12.14 31.98
CA TYR B 371 13.71 -13.41 32.46
C TYR B 371 13.51 -14.42 31.34
N MET B 372 12.25 -14.50 30.95
CA MET B 372 11.81 -15.39 29.90
C MET B 372 12.57 -15.19 28.60
N ILE B 373 12.89 -13.94 28.30
CA ILE B 373 13.58 -13.73 27.07
C ILE B 373 15.05 -14.00 27.06
N LYS B 374 15.76 -13.46 28.03
CA LYS B 374 17.21 -13.58 28.09
C LYS B 374 17.84 -14.93 28.46
N GLU B 375 17.29 -15.57 29.50
CA GLU B 375 17.83 -16.84 29.94
C GLU B 375 17.22 -18.04 29.21
N LYS B 376 15.89 -18.07 29.23
CA LYS B 376 15.14 -19.16 28.63
C LYS B 376 15.17 -19.16 27.12
N HIS B 377 15.00 -18.02 26.49
CA HIS B 377 14.97 -17.94 25.03
C HIS B 377 13.59 -18.17 24.43
N ILE B 378 12.64 -17.55 25.10
CA ILE B 378 11.25 -17.52 24.73
C ILE B 378 10.97 -16.06 24.41
N TYR B 379 10.79 -15.75 23.14
CA TYR B 379 10.51 -14.39 22.77
C TYR B 379 9.03 -14.09 22.77
N LEU B 380 8.66 -13.01 23.46
CA LEU B 380 7.29 -12.54 23.56
C LEU B 380 7.28 -11.04 23.77
N MET B 381 6.10 -10.47 23.60
CA MET B 381 5.94 -9.05 23.77
C MET B 381 6.23 -8.64 25.21
N ALA B 382 6.66 -7.38 25.35
CA ALA B 382 7.00 -6.81 26.62
C ALA B 382 5.86 -6.77 27.64
N SER B 383 4.63 -6.76 27.13
CA SER B 383 3.38 -6.68 27.91
C SER B 383 2.97 -7.92 28.68
N GLY B 384 3.54 -9.06 28.31
CA GLY B 384 3.20 -10.35 28.92
C GLY B 384 2.31 -11.13 27.93
N ARG B 385 2.13 -10.53 26.76
CA ARG B 385 1.33 -11.10 25.71
C ARG B 385 1.99 -12.29 25.04
N ILE B 386 1.31 -13.43 25.10
CA ILE B 386 1.83 -14.61 24.43
C ILE B 386 0.94 -14.98 23.27
N ASN B 387 1.58 -15.52 22.26
CA ASN B 387 0.93 -16.02 21.08
C ASN B 387 0.72 -17.54 21.25
N MET B 388 -0.52 -17.94 21.54
CA MET B 388 -0.88 -19.33 21.74
C MET B 388 -0.41 -20.26 20.62
N CYS B 389 -0.33 -19.71 19.40
CA CYS B 389 0.11 -20.51 18.26
C CYS B 389 1.57 -20.86 18.30
N GLY B 390 2.26 -20.32 19.28
CA GLY B 390 3.65 -20.62 19.47
C GLY B 390 3.79 -21.90 20.23
N LEU B 391 2.81 -22.20 21.09
CA LEU B 391 2.80 -23.41 21.89
C LEU B 391 2.63 -24.63 20.98
N THR B 392 3.12 -25.77 21.46
CA THR B 392 3.03 -27.03 20.73
C THR B 392 3.15 -28.15 21.72
N THR B 393 2.73 -29.34 21.29
CA THR B 393 2.79 -30.49 22.15
C THR B 393 4.25 -30.82 22.52
N LYS B 394 5.20 -30.39 21.71
CA LYS B 394 6.62 -30.67 21.99
C LYS B 394 7.43 -29.50 22.55
N ASN B 395 6.78 -28.38 22.84
CA ASN B 395 7.51 -27.26 23.42
C ASN B 395 6.82 -26.86 24.70
N LEU B 396 5.66 -27.49 24.88
CA LEU B 396 4.76 -27.25 25.97
C LEU B 396 5.40 -27.07 27.31
N ASP B 397 5.65 -28.19 27.95
CA ASP B 397 6.21 -28.14 29.28
C ASP B 397 7.42 -27.24 29.44
N TYR B 398 8.33 -27.29 28.45
CA TYR B 398 9.47 -26.40 28.49
C TYR B 398 9.05 -24.94 28.61
N VAL B 399 7.84 -24.62 28.08
CA VAL B 399 7.33 -23.27 28.19
C VAL B 399 6.58 -23.03 29.49
N ALA B 400 5.76 -24.00 29.89
CA ALA B 400 5.03 -23.83 31.12
C ALA B 400 6.00 -23.71 32.26
N LYS B 401 7.00 -24.60 32.25
CA LYS B 401 8.04 -24.62 33.26
C LYS B 401 8.58 -23.22 33.40
N SER B 402 9.18 -22.75 32.30
CA SER B 402 9.75 -21.42 32.14
C SER B 402 8.96 -20.35 32.87
N ILE B 403 7.65 -20.32 32.57
CA ILE B 403 6.72 -19.38 33.21
C ILE B 403 6.69 -19.63 34.72
N HIS B 404 6.75 -20.91 35.09
CA HIS B 404 6.74 -21.32 36.48
C HIS B 404 7.96 -20.74 37.18
N GLU B 405 9.07 -20.72 36.45
CA GLU B 405 10.31 -20.18 36.96
C GLU B 405 10.17 -18.70 37.21
N ALA B 406 9.80 -17.99 36.15
CA ALA B 406 9.63 -16.55 36.21
C ALA B 406 8.69 -16.14 37.32
N VAL B 407 7.68 -16.95 37.56
CA VAL B 407 6.75 -16.62 38.61
C VAL B 407 7.27 -17.02 39.98
N THR B 408 8.35 -17.83 39.97
CA THR B 408 9.01 -18.34 41.17
C THR B 408 10.35 -17.66 41.44
N LYS B 409 11.31 -17.95 40.58
CA LYS B 409 12.63 -17.37 40.69
C LYS B 409 12.60 -15.84 40.67
N ILE B 410 12.69 -15.37 39.44
CA ILE B 410 12.79 -14.00 39.01
C ILE B 410 11.74 -12.97 39.41
N GLN B 411 10.68 -13.34 40.13
CA GLN B 411 9.68 -12.32 40.52
C GLN B 411 9.90 -11.76 41.91
N1 PLP C . 5.24 8.69 -12.05
C2 PLP C . 5.13 8.67 -13.39
C2A PLP C . 5.81 9.77 -14.19
C3 PLP C . 4.41 7.61 -13.97
O3 PLP C . 4.37 7.61 -15.31
C4 PLP C . 3.83 6.62 -13.21
C4A PLP C . 3.17 5.52 -13.84
C5 PLP C . 4.01 6.72 -11.81
C6 PLP C . 4.67 7.78 -11.25
C5A PLP C . 3.27 5.76 -10.87
O4P PLP C . 3.61 4.43 -11.10
P PLP C . 2.86 3.26 -10.29
O1P PLP C . 2.50 3.82 -8.95
O2P PLP C . 3.86 2.16 -10.26
O3P PLP C . 1.60 2.90 -11.08
C1 MAE D . -0.41 7.51 -16.60
O1 MAE D . -1.25 7.30 -17.50
O2 MAE D . 0.09 8.64 -16.39
C2 MAE D . 0.10 6.38 -15.78
C3 MAE D . -0.21 6.04 -14.54
C4 MAE D . -1.13 6.73 -13.58
O3 MAE D . -1.61 7.89 -13.87
O4 MAE D . -1.41 6.11 -12.52
N1 PLP E . -5.43 -4.80 14.04
C2 PLP E . -5.21 -5.84 14.84
C2A PLP E . -5.84 -5.85 16.21
C3 PLP E . -4.40 -6.87 14.33
O3 PLP E . -4.23 -7.90 15.16
C4 PLP E . -3.86 -6.80 13.04
C4A PLP E . -3.06 -7.88 12.51
C5 PLP E . -4.16 -5.62 12.30
C6 PLP E . -4.93 -4.65 12.83
C5A PLP E . -3.56 -5.33 10.89
O4P PLP E . -3.34 -6.47 10.12
P PLP E . -2.59 -6.44 8.70
O1P PLP E . -2.38 -5.06 8.31
O2P PLP E . -3.45 -7.19 7.78
O3P PLP E . -1.25 -7.17 8.98
C1 MAE F . 0.58 -8.72 16.07
O1 MAE F . 1.52 -9.47 16.45
O2 MAE F . 0.04 -7.88 16.85
C2 MAE F . 0.07 -8.79 14.67
C3 MAE F . 0.30 -7.99 13.64
C4 MAE F . 1.15 -6.74 13.59
O3 MAE F . 1.55 -6.17 14.67
O4 MAE F . 1.44 -6.27 12.46
#